data_9LXR
#
_entry.id   9LXR
#
_cell.length_a   1.00
_cell.length_b   1.00
_cell.length_c   1.00
_cell.angle_alpha   90.00
_cell.angle_beta   90.00
_cell.angle_gamma   90.00
#
_symmetry.space_group_name_H-M   'P 1'
#
loop_
_entity.id
_entity.type
_entity.pdbx_description
1 polymer Beta-arrestin-1
2 polymer Fab30H
3 polymer Fab30L
4 polymer LA-PTH
5 polymer 'Parathyroid hormone/parathyroid hormone-related peptide receptor'
#
loop_
_entity_poly.entity_id
_entity_poly.type
_entity_poly.pdbx_seq_one_letter_code
_entity_poly.pdbx_strand_id
1 'polypeptide(L)'
;MKGTRVFKKASCNGKLTVYLGKRDFVDHIDLVDPVDGVVLVDPEYLKERRVYVTLTCAFRYGREDLDVLGLTFRKDLFCA
NVQSFPPAPEDKKPLTRLQERLIKKLGEHAYPFTFEIPPNLPCSVTLQPGPEDTGKACGVDYEVKAFCAENLEEKIHKRN
SVRLVIRKVQYAPERPGPQPTAETTRQFLMSDKPLHLEASLDKEIYYHGEPISVNVHVTNNTNKTVKKIKISVRQYADIC
LFNTAQYKCPVAMEEADDTVAPSSTFCKVYTLTPFLCNNREKRGLALDGKLKHEDTNLASSTLLREGANREILGIIVSYK
VKVKLVVSRGGLLGDLASSDVAVELPFTLMHPKPKEEPPHREVPENETPVDTNL
;
B
2 'polypeptide(L)'
;MEISEVQLVESGGGLVQPGGSLRLSCAASGFNVYSSSIHWVRQAPGKGLEWVASISSYYCYTYYADSVKGRFTISADTSK
NTAYLQMNSLRAEDTAVYYCARSRQFWYSGLDYWGQGTLVTVSSASTKGPSVFPLAPSSKSTSGGTAALGCLVKDYFPEP
VTVSWNSGALTSGVHTFPAVLQSSGLYSLSSVVTVPSSSLGTQTYICNVNHKPSNTKVDKKVEPKSCDKT
;
C
3 'polypeptide(L)'
;SDIQMTQSPSSLSASVGDRVTITCRASQSVSSAVAWYQQKPGKAPKLLIYSASSLYSGVPSRFSGSRSGTDFTLTISSLQ
PEDFATYYCQQYKYVPVTFGQGTKVEIKRTVAAPSVFIFPPSDSQLKSGTASVVCLLNNFYPREAKVQWKVDNALQSGNS
QESVTEQDSKDSTYSLSSTLTLSKADYEKHKVYACEVTHQGLSSPVTKSFNRGEC
;
E
4 'polypeptide(L)' AVAEIQLMHQRAKWIQDARRRAFLHKLIAEIHTAEI L
5 'polypeptide(L)'
;DADDVMTKEEQIFLLHRAQAQCEKRLKEVLQRPASIMESDKGWTSASTSGKPRKDKASGKLYPESEEDKEAPTGSRYRGR
PCLPEWDHILCWPLGAPGEVVAVPCPDYIYDFNHKGHAYRRCDRNGSWELVPGHNRTWANYSECVKFLTNETREREVFDR
LGMIYTVGYSVSLASLTVAVLILAYFRRLHCTRNYIHMHLFLSFMLRAVSIFVKDAVLYSGATLDEAERLTEEELRAIAQ
APPPPATAAAGYAGCRVAVTFFLYFLATNYYWILVEGLYLHSLIFMAFFSEKKYLWGFTVFGWGLPAVFVAVWVSVRATL
ANTGCWDLSSGNKKWIIQVPILASIVLNFILFINIVRVLATKLRETNAGRCDTRQQYRKLLKSTLVLMPLFGVHYIVFMA
TPYTEVSGTLWQVQMHYEMLFNSFQGFFVAIIYCFCNGEVQAEIKKSWSRWTLALDFKRKARSGSSSYSYGPMV(SEP)H
(TPO)(SEP)V(TPO)NG
;
R
#
# COMPACT_ATOMS: atom_id res chain seq x y z
N THR A 4 29.17 1.19 -5.63
CA THR A 4 28.56 2.37 -6.32
C THR A 4 27.53 1.93 -7.36
N ARG A 5 27.98 1.22 -8.40
CA ARG A 5 27.13 0.91 -9.53
C ARG A 5 26.42 -0.44 -9.41
N VAL A 6 27.19 -1.53 -9.29
CA VAL A 6 26.67 -2.88 -9.44
C VAL A 6 26.17 -3.40 -8.11
N PHE A 7 25.08 -4.17 -8.16
CA PHE A 7 24.57 -4.83 -6.97
C PHE A 7 25.42 -6.07 -6.65
N LYS A 8 25.15 -6.65 -5.48
CA LYS A 8 25.96 -7.76 -5.00
C LYS A 8 25.16 -8.59 -4.00
N LYS A 9 25.36 -9.91 -4.03
CA LYS A 9 24.77 -10.81 -3.07
C LYS A 9 25.66 -12.03 -2.94
N ALA A 10 25.60 -12.68 -1.77
CA ALA A 10 26.50 -13.79 -1.46
C ALA A 10 25.71 -14.92 -0.83
N SER A 11 26.37 -16.07 -0.67
CA SER A 11 25.71 -17.25 -0.13
C SER A 11 26.76 -18.14 0.54
N CYS A 12 26.86 -18.03 1.88
CA CYS A 12 27.59 -18.99 2.70
C CYS A 12 29.06 -19.13 2.31
N ASN A 13 29.67 -20.25 2.70
CA ASN A 13 31.11 -20.45 2.55
C ASN A 13 31.54 -20.54 1.10
N GLY A 14 30.63 -20.85 0.18
CA GLY A 14 31.01 -21.01 -1.21
C GLY A 14 31.55 -19.74 -1.85
N LYS A 15 31.36 -18.59 -1.22
CA LYS A 15 31.80 -17.31 -1.78
C LYS A 15 31.17 -17.09 -3.16
N LEU A 16 30.00 -17.68 -3.38
CA LEU A 16 29.32 -17.61 -4.67
C LEU A 16 28.60 -16.27 -4.81
N THR A 17 29.39 -15.20 -4.82
CA THR A 17 28.85 -13.85 -4.85
C THR A 17 28.48 -13.49 -6.28
N VAL A 18 27.19 -13.26 -6.51
CA VAL A 18 26.68 -12.90 -7.84
C VAL A 18 26.59 -11.39 -7.96
N TYR A 19 26.99 -10.86 -9.11
CA TYR A 19 26.97 -9.43 -9.40
C TYR A 19 26.03 -9.15 -10.56
N LEU A 20 25.16 -8.17 -10.39
CA LEU A 20 24.26 -7.72 -11.44
C LEU A 20 24.35 -6.20 -11.58
N GLY A 21 24.48 -5.74 -12.81
CA GLY A 21 24.59 -4.31 -13.04
C GLY A 21 23.28 -3.56 -12.84
N LYS A 22 22.16 -4.26 -12.95
CA LYS A 22 20.85 -3.64 -12.76
C LYS A 22 19.83 -4.71 -12.42
N ARG A 23 18.82 -4.32 -11.66
CA ARG A 23 17.76 -5.24 -11.25
C ARG A 23 16.56 -5.20 -12.19
N ASP A 24 16.30 -4.06 -12.82
CA ASP A 24 15.18 -3.91 -13.75
C ASP A 24 15.73 -3.91 -15.17
N PHE A 25 15.25 -4.84 -15.99
CA PHE A 25 15.66 -4.97 -17.38
C PHE A 25 14.52 -4.52 -18.28
N VAL A 26 14.68 -3.36 -18.91
CA VAL A 26 13.63 -2.83 -19.77
C VAL A 26 13.39 -3.77 -20.93
N ASP A 27 12.17 -3.89 -21.43
CA ASP A 27 11.71 -4.69 -22.56
C ASP A 27 11.22 -3.76 -23.65
N HIS A 28 11.80 -3.88 -24.84
CA HIS A 28 11.28 -3.27 -26.04
C HIS A 28 10.43 -4.32 -26.74
N ILE A 29 9.36 -3.92 -27.43
CA ILE A 29 8.28 -4.85 -27.80
C ILE A 29 8.75 -6.02 -28.68
N ASP A 30 9.91 -5.90 -29.33
CA ASP A 30 10.58 -6.96 -30.08
C ASP A 30 12.06 -7.22 -29.66
N LEU A 31 12.58 -6.64 -28.56
CA LEU A 31 13.92 -6.98 -28.07
C LEU A 31 13.99 -6.66 -26.59
N VAL A 32 14.33 -7.64 -25.78
CA VAL A 32 14.46 -7.48 -24.34
C VAL A 32 15.93 -7.29 -24.01
N ASP A 33 16.20 -6.48 -22.99
CA ASP A 33 17.57 -6.21 -22.59
C ASP A 33 18.23 -7.52 -22.14
N PRO A 34 19.41 -7.86 -22.66
CA PRO A 34 20.08 -9.09 -22.21
C PRO A 34 20.39 -9.03 -20.72
N VAL A 35 20.21 -10.16 -20.03
CA VAL A 35 20.66 -10.30 -18.64
C VAL A 35 22.13 -10.65 -18.67
N ASP A 36 22.93 -10.01 -17.84
CA ASP A 36 24.35 -10.29 -17.73
C ASP A 36 24.81 -10.07 -16.30
N GLY A 37 25.86 -10.77 -15.91
CA GLY A 37 26.38 -10.64 -14.56
C GLY A 37 27.64 -11.45 -14.39
N VAL A 38 28.14 -11.45 -13.16
CA VAL A 38 29.35 -12.17 -12.79
C VAL A 38 29.11 -12.89 -11.48
N VAL A 39 29.61 -14.12 -11.37
CA VAL A 39 29.44 -14.95 -10.19
C VAL A 39 30.83 -15.37 -9.71
N LEU A 40 31.42 -14.58 -8.83
CA LEU A 40 32.67 -14.94 -8.19
C LEU A 40 32.47 -16.17 -7.32
N VAL A 41 33.46 -17.07 -7.34
CA VAL A 41 33.35 -18.32 -6.61
C VAL A 41 34.74 -18.75 -6.16
N ASP A 42 34.81 -19.73 -5.25
CA ASP A 42 36.07 -20.26 -4.80
C ASP A 42 36.25 -21.66 -5.38
N PRO A 43 37.11 -21.85 -6.39
CA PRO A 43 37.29 -23.19 -6.95
C PRO A 43 37.74 -24.22 -5.93
N GLU A 44 38.53 -23.81 -4.93
CA GLU A 44 38.97 -24.75 -3.91
C GLU A 44 37.81 -25.36 -3.16
N TYR A 45 36.69 -24.66 -3.07
CA TYR A 45 35.49 -25.18 -2.41
C TYR A 45 34.59 -25.90 -3.39
N LEU A 46 34.40 -25.35 -4.59
CA LEU A 46 33.57 -25.99 -5.60
C LEU A 46 34.13 -27.34 -6.01
N LYS A 47 35.44 -27.41 -6.25
CA LYS A 47 36.07 -28.63 -6.71
C LYS A 47 35.38 -29.14 -7.97
N GLU A 48 34.84 -30.37 -7.93
CA GLU A 48 34.18 -30.93 -9.11
C GLU A 48 32.82 -30.29 -9.37
N ARG A 49 32.17 -29.75 -8.34
CA ARG A 49 30.86 -29.16 -8.52
C ARG A 49 30.92 -28.00 -9.51
N ARG A 50 29.92 -27.92 -10.39
CA ARG A 50 29.86 -26.88 -11.40
C ARG A 50 29.00 -25.73 -10.91
N VAL A 51 29.36 -24.51 -11.32
CA VAL A 51 28.60 -23.32 -10.95
C VAL A 51 27.49 -23.12 -11.98
N TYR A 52 26.26 -23.44 -11.60
CA TYR A 52 25.10 -23.29 -12.46
C TYR A 52 24.31 -22.06 -12.05
N VAL A 53 24.01 -21.22 -13.02
CA VAL A 53 23.15 -20.07 -12.84
C VAL A 53 21.93 -20.23 -13.73
N THR A 54 20.76 -19.94 -13.20
CA THR A 54 19.50 -20.10 -13.91
C THR A 54 18.65 -18.84 -13.82
N LEU A 55 18.01 -18.50 -14.93
CA LEU A 55 16.99 -17.47 -15.01
C LEU A 55 15.64 -18.14 -15.18
N THR A 56 14.68 -17.87 -14.31
CA THR A 56 13.32 -18.43 -14.46
C THR A 56 12.25 -17.37 -14.31
N CYS A 57 11.27 -17.38 -15.19
CA CYS A 57 10.03 -16.66 -15.06
C CYS A 57 8.98 -17.63 -14.54
N ALA A 58 8.38 -17.36 -13.39
CA ALA A 58 7.42 -18.27 -12.77
C ALA A 58 6.11 -17.57 -12.50
N PHE A 59 4.99 -18.16 -12.91
CA PHE A 59 3.66 -17.70 -12.52
C PHE A 59 3.22 -18.48 -11.29
N ARG A 60 3.23 -17.82 -10.12
CA ARG A 60 2.69 -18.35 -8.87
C ARG A 60 1.20 -18.06 -8.83
N TYR A 61 0.39 -19.07 -9.11
CA TYR A 61 -1.06 -18.94 -9.20
C TYR A 61 -1.74 -19.08 -7.82
N GLY A 62 -3.07 -19.09 -7.80
CA GLY A 62 -3.90 -18.81 -6.61
C GLY A 62 -3.38 -19.79 -5.56
N ARG A 63 -2.77 -19.25 -4.51
CA ARG A 63 -2.37 -19.92 -3.27
C ARG A 63 -2.73 -18.96 -2.12
N GLU A 64 -3.42 -17.84 -2.41
CA GLU A 64 -4.23 -17.12 -1.40
C GLU A 64 -5.60 -17.80 -1.21
N ASP A 65 -6.22 -18.27 -2.29
CA ASP A 65 -7.14 -19.43 -2.25
C ASP A 65 -6.32 -20.71 -1.94
N LEU A 66 -6.97 -21.86 -1.72
CA LEU A 66 -6.28 -23.16 -1.59
C LEU A 66 -5.25 -23.24 -0.44
N ASP A 67 -5.35 -22.40 0.59
CA ASP A 67 -4.41 -22.42 1.73
C ASP A 67 -4.43 -23.76 2.49
N VAL A 68 -5.60 -24.42 2.53
CA VAL A 68 -5.78 -25.79 3.05
C VAL A 68 -5.01 -26.87 2.27
N LEU A 69 -4.36 -26.49 1.16
CA LEU A 69 -3.55 -27.32 0.27
C LEU A 69 -2.12 -26.77 0.10
N GLY A 70 -1.64 -25.94 1.03
CA GLY A 70 -0.43 -25.13 0.90
C GLY A 70 0.66 -26.06 0.35
N LEU A 71 1.01 -25.87 -0.93
CA LEU A 71 2.09 -26.69 -1.56
C LEU A 71 2.76 -25.76 -2.57
N THR A 72 2.99 -26.23 -3.79
CA THR A 72 3.52 -25.28 -4.80
C THR A 72 2.42 -25.04 -5.84
N PHE A 73 2.01 -23.78 -6.00
CA PHE A 73 0.97 -23.45 -7.02
C PHE A 73 1.65 -22.58 -8.06
N ARG A 74 2.64 -23.16 -8.74
CA ARG A 74 3.42 -22.40 -9.73
C ARG A 74 3.56 -23.15 -11.05
N LYS A 75 3.75 -22.40 -12.14
CA LYS A 75 4.30 -22.95 -13.40
C LYS A 75 5.38 -22.03 -13.93
N ASP A 76 6.49 -22.60 -14.38
CA ASP A 76 7.53 -21.81 -15.05
C ASP A 76 7.11 -21.50 -16.49
N LEU A 77 7.12 -20.22 -16.84
CA LEU A 77 6.79 -19.73 -18.17
C LEU A 77 8.02 -19.77 -19.08
N PHE A 78 9.21 -19.56 -18.51
CA PHE A 78 10.50 -19.62 -19.18
C PHE A 78 11.57 -20.05 -18.20
N CYS A 79 12.55 -20.83 -18.64
CA CYS A 79 13.77 -21.12 -17.91
C CYS A 79 14.97 -21.17 -18.85
N ALA A 80 16.12 -20.71 -18.38
CA ALA A 80 17.40 -20.89 -19.03
C ALA A 80 18.47 -21.20 -18.00
N ASN A 81 19.53 -21.90 -18.40
CA ASN A 81 20.66 -22.26 -17.55
C ASN A 81 21.99 -22.04 -18.28
N VAL A 82 23.00 -21.61 -17.55
CA VAL A 82 24.34 -21.36 -18.06
C VAL A 82 25.34 -21.92 -17.06
N GLN A 83 26.31 -22.69 -17.56
CA GLN A 83 27.37 -23.25 -16.73
C GLN A 83 28.52 -22.26 -16.70
N SER A 84 28.52 -21.40 -15.68
CA SER A 84 29.56 -20.39 -15.56
C SER A 84 30.94 -21.01 -15.40
N PHE A 85 31.04 -22.04 -14.55
CA PHE A 85 32.30 -22.71 -14.29
C PHE A 85 32.32 -24.06 -14.99
N PRO A 86 33.19 -24.28 -16.00
CA PRO A 86 33.25 -25.59 -16.67
C PRO A 86 33.49 -26.73 -15.70
N LYS A 93 29.73 -16.36 -26.00
CA LYS A 93 29.07 -15.13 -25.60
C LYS A 93 30.09 -14.01 -25.35
N PRO A 94 29.94 -12.88 -26.05
CA PRO A 94 30.85 -11.76 -25.81
C PRO A 94 30.61 -11.11 -24.46
N LEU A 95 31.69 -10.75 -23.78
CA LEU A 95 31.60 -10.13 -22.47
C LEU A 95 31.27 -8.65 -22.62
N THR A 96 30.26 -8.19 -21.89
CA THR A 96 29.88 -6.79 -21.92
C THR A 96 30.91 -5.95 -21.17
N ARG A 97 30.82 -4.63 -21.36
CA ARG A 97 31.75 -3.73 -20.70
C ARG A 97 31.69 -3.88 -19.18
N LEU A 98 30.47 -3.97 -18.64
CA LEU A 98 30.33 -4.17 -17.19
C LEU A 98 30.93 -5.51 -16.78
N GLN A 99 30.69 -6.56 -17.56
CA GLN A 99 31.28 -7.85 -17.25
C GLN A 99 32.81 -7.79 -17.32
N GLU A 100 33.35 -7.09 -18.31
CA GLU A 100 34.80 -6.95 -18.41
C GLU A 100 35.36 -6.22 -17.19
N ARG A 101 34.70 -5.14 -16.77
CA ARG A 101 35.17 -4.40 -15.60
C ARG A 101 35.12 -5.29 -14.35
N LEU A 102 34.03 -6.05 -14.19
CA LEU A 102 33.91 -6.93 -13.02
C LEU A 102 34.99 -8.01 -13.03
N ILE A 103 35.26 -8.60 -14.20
CA ILE A 103 36.30 -9.61 -14.28
C ILE A 103 37.65 -9.01 -13.95
N LYS A 104 37.93 -7.81 -14.47
CA LYS A 104 39.20 -7.16 -14.19
C LYS A 104 39.35 -6.86 -12.69
N LYS A 105 38.26 -6.42 -12.06
CA LYS A 105 38.31 -6.08 -10.64
C LYS A 105 38.49 -7.33 -9.79
N LEU A 106 37.52 -8.26 -9.86
CA LEU A 106 37.58 -9.45 -9.02
C LEU A 106 38.75 -10.37 -9.37
N GLY A 107 39.04 -10.56 -10.65
CA GLY A 107 40.22 -11.29 -11.05
C GLY A 107 39.97 -12.65 -11.66
N GLU A 108 40.84 -13.61 -11.34
CA GLU A 108 40.79 -14.92 -12.00
C GLU A 108 39.50 -15.65 -11.71
N HIS A 109 39.04 -15.61 -10.46
CA HIS A 109 37.90 -16.42 -10.02
C HIS A 109 36.55 -15.82 -10.41
N ALA A 110 36.53 -14.82 -11.29
CA ALA A 110 35.29 -14.20 -11.73
C ALA A 110 34.85 -14.87 -13.04
N TYR A 111 33.73 -15.58 -13.00
CA TYR A 111 33.21 -16.28 -14.16
C TYR A 111 31.88 -15.64 -14.58
N PRO A 112 31.79 -15.03 -15.76
CA PRO A 112 30.57 -14.31 -16.13
C PRO A 112 29.46 -15.25 -16.58
N PHE A 113 28.26 -14.69 -16.64
CA PHE A 113 27.10 -15.39 -17.16
C PHE A 113 26.19 -14.38 -17.85
N THR A 114 25.35 -14.88 -18.76
CA THR A 114 24.44 -14.01 -19.48
C THR A 114 23.27 -14.83 -20.02
N PHE A 115 22.07 -14.23 -20.09
CA PHE A 115 20.87 -14.84 -20.66
C PHE A 115 20.18 -13.91 -21.65
N GLU A 116 19.69 -14.45 -22.77
CA GLU A 116 18.76 -13.76 -23.65
C GLU A 116 17.33 -14.09 -23.22
N ILE A 117 16.59 -13.12 -22.68
CA ILE A 117 15.16 -13.26 -22.46
C ILE A 117 14.45 -13.18 -23.82
N PRO A 118 13.64 -14.17 -24.24
CA PRO A 118 12.92 -14.07 -25.50
C PRO A 118 11.81 -13.06 -25.40
N PRO A 119 11.46 -12.37 -26.51
CA PRO A 119 10.38 -11.40 -26.53
C PRO A 119 9.03 -12.08 -26.27
N ASN A 120 7.98 -11.27 -26.08
CA ASN A 120 6.61 -11.68 -25.83
C ASN A 120 6.34 -12.51 -24.53
N LEU A 121 7.34 -12.73 -23.67
CA LEU A 121 7.07 -13.16 -22.28
C LEU A 121 6.41 -12.03 -21.47
N PRO A 122 5.55 -12.35 -20.48
CA PRO A 122 4.88 -11.36 -19.65
C PRO A 122 5.86 -10.53 -18.81
N CYS A 123 5.52 -9.29 -18.51
CA CYS A 123 6.31 -8.46 -17.61
C CYS A 123 6.06 -8.82 -16.13
N SER A 124 6.97 -8.43 -15.25
CA SER A 124 6.84 -8.71 -13.82
C SER A 124 5.61 -8.02 -13.27
N VAL A 125 4.58 -8.79 -12.91
CA VAL A 125 3.31 -8.30 -12.40
C VAL A 125 2.99 -9.10 -11.16
N THR A 126 2.61 -8.43 -10.08
CA THR A 126 2.23 -9.06 -8.83
C THR A 126 0.76 -8.78 -8.56
N LEU A 127 -0.06 -9.83 -8.47
CA LEU A 127 -1.45 -9.70 -8.05
C LEU A 127 -1.48 -9.33 -6.57
N GLN A 128 -2.27 -8.34 -6.21
CA GLN A 128 -2.32 -7.84 -4.87
C GLN A 128 -2.95 -8.73 -3.88
N PRO A 129 -2.40 -8.90 -2.67
CA PRO A 129 -3.01 -9.75 -1.64
C PRO A 129 -4.35 -9.20 -1.10
N GLY A 130 -5.19 -10.08 -0.58
CA GLY A 130 -6.36 -9.71 0.24
C GLY A 130 -6.00 -9.36 1.69
N PRO A 131 -6.99 -9.28 2.60
CA PRO A 131 -6.70 -9.29 4.04
C PRO A 131 -5.96 -10.59 4.42
N GLU A 132 -5.14 -10.54 5.48
CA GLU A 132 -4.38 -11.73 5.92
C GLU A 132 -3.48 -12.26 4.81
N ASP A 133 -2.80 -11.36 4.10
CA ASP A 133 -1.80 -11.67 3.09
C ASP A 133 -0.65 -12.53 3.63
N THR A 134 -0.27 -13.56 2.89
CA THR A 134 0.82 -14.49 3.23
C THR A 134 1.54 -15.00 1.97
N GLY A 135 2.78 -15.45 2.15
CA GLY A 135 3.57 -16.07 1.07
C GLY A 135 4.35 -15.10 0.20
N LYS A 136 5.20 -15.55 -0.73
CA LYS A 136 6.11 -14.60 -1.43
C LYS A 136 5.37 -13.63 -2.34
N ALA A 137 4.49 -14.15 -3.21
CA ALA A 137 3.69 -13.40 -4.17
C ALA A 137 2.59 -14.29 -4.77
N CYS A 138 1.64 -13.65 -5.44
CA CYS A 138 0.92 -14.25 -6.56
C CYS A 138 1.22 -13.42 -7.81
N GLY A 139 1.35 -14.06 -8.97
CA GLY A 139 1.70 -13.40 -10.22
C GLY A 139 3.02 -13.87 -10.80
N VAL A 140 3.60 -13.05 -11.67
CA VAL A 140 4.79 -13.35 -12.46
C VAL A 140 6.00 -12.62 -11.89
N ASP A 141 7.07 -13.37 -11.62
CA ASP A 141 8.34 -12.82 -11.22
C ASP A 141 9.49 -13.57 -11.89
N TYR A 142 10.61 -12.86 -12.09
CA TYR A 142 11.82 -13.39 -12.69
C TYR A 142 12.89 -13.51 -11.63
N GLU A 143 13.64 -14.60 -11.61
CA GLU A 143 14.67 -14.83 -10.61
C GLU A 143 15.94 -15.33 -11.27
N VAL A 144 17.07 -14.80 -10.83
CA VAL A 144 18.40 -15.34 -11.11
C VAL A 144 18.85 -16.08 -9.87
N LYS A 145 19.25 -17.33 -9.96
CA LYS A 145 19.93 -18.02 -8.86
C LYS A 145 21.18 -18.72 -9.32
N ALA A 146 22.21 -18.74 -8.50
CA ALA A 146 23.42 -19.51 -8.78
C ALA A 146 23.64 -20.52 -7.66
N PHE A 147 24.07 -21.72 -8.04
CA PHE A 147 24.26 -22.80 -7.08
C PHE A 147 25.37 -23.71 -7.57
N CYS A 148 25.89 -24.51 -6.64
CA CYS A 148 26.97 -25.45 -6.92
C CYS A 148 26.43 -26.87 -6.88
N ALA A 149 26.76 -27.66 -7.91
CA ALA A 149 26.32 -29.04 -7.99
C ALA A 149 27.01 -29.72 -9.16
N GLU A 150 27.16 -31.03 -9.06
CA GLU A 150 27.74 -31.80 -10.15
C GLU A 150 26.83 -31.86 -11.37
N ASN A 151 25.52 -31.71 -11.17
CA ASN A 151 24.57 -31.73 -12.27
C ASN A 151 23.39 -30.83 -11.93
N LEU A 152 22.74 -30.31 -12.96
CA LEU A 152 21.60 -29.42 -12.75
C LEU A 152 20.44 -30.14 -12.08
N GLU A 153 20.39 -31.47 -12.14
CA GLU A 153 19.32 -32.23 -11.52
C GLU A 153 19.55 -32.49 -10.04
N GLU A 154 20.69 -32.08 -9.49
CA GLU A 154 20.97 -32.32 -8.08
C GLU A 154 19.99 -31.55 -7.20
N LYS A 155 19.73 -32.10 -6.03
CA LYS A 155 18.81 -31.50 -5.07
C LYS A 155 19.55 -30.43 -4.29
N ILE A 156 19.25 -29.16 -4.58
CA ILE A 156 19.91 -28.06 -3.91
C ILE A 156 19.25 -27.80 -2.56
N HIS A 157 20.08 -27.57 -1.54
CA HIS A 157 19.61 -27.41 -0.16
C HIS A 157 19.79 -25.98 0.34
N LYS A 158 20.04 -25.04 -0.57
CA LYS A 158 20.05 -23.62 -0.24
C LYS A 158 21.27 -23.20 0.55
N ARG A 159 22.14 -24.16 0.90
CA ARG A 159 23.31 -23.84 1.71
C ARG A 159 24.23 -22.89 0.95
N ASN A 160 24.46 -23.15 -0.34
CA ASN A 160 25.39 -22.36 -1.13
C ASN A 160 24.74 -21.86 -2.40
N SER A 161 23.52 -21.33 -2.29
CA SER A 161 22.79 -20.77 -3.41
C SER A 161 22.44 -19.33 -3.13
N VAL A 162 22.73 -18.45 -4.08
CA VAL A 162 22.40 -17.04 -3.98
C VAL A 162 21.31 -16.74 -5.01
N ARG A 163 20.23 -16.11 -4.56
CA ARG A 163 19.05 -15.88 -5.38
C ARG A 163 18.76 -14.38 -5.40
N LEU A 164 18.56 -13.83 -6.58
CA LEU A 164 18.24 -12.42 -6.77
C LEU A 164 16.99 -12.32 -7.63
N VAL A 165 16.05 -11.47 -7.23
CA VAL A 165 14.85 -11.25 -8.03
C VAL A 165 15.08 -10.06 -8.95
N ILE A 166 14.84 -10.28 -10.24
CA ILE A 166 14.94 -9.26 -11.28
C ILE A 166 13.55 -8.93 -11.78
N ARG A 167 13.41 -7.83 -12.52
CA ARG A 167 12.15 -7.42 -13.10
C ARG A 167 12.33 -7.11 -14.58
N LYS A 168 11.33 -7.51 -15.36
CA LYS A 168 11.21 -7.14 -16.77
C LYS A 168 10.13 -6.08 -16.88
N VAL A 169 10.51 -4.90 -17.36
CA VAL A 169 9.62 -3.74 -17.33
C VAL A 169 9.57 -3.09 -18.70
N GLN A 170 8.54 -2.31 -18.97
CA GLN A 170 8.35 -1.56 -20.20
C GLN A 170 8.06 -0.11 -19.84
N TYR A 171 8.46 0.80 -20.71
CA TYR A 171 8.24 2.23 -20.55
C TYR A 171 7.45 2.77 -21.74
N ALA A 172 6.70 3.84 -21.50
CA ALA A 172 5.85 4.49 -22.46
C ALA A 172 6.58 4.75 -23.79
N PRO A 173 5.99 4.43 -24.94
CA PRO A 173 6.65 4.66 -26.21
C PRO A 173 6.82 6.16 -26.44
N GLU A 174 7.84 6.54 -27.22
CA GLU A 174 8.18 7.93 -27.48
C GLU A 174 7.04 8.68 -28.16
N ARG A 175 6.41 8.04 -29.14
CA ARG A 175 5.37 8.73 -29.92
C ARG A 175 3.98 8.27 -29.49
N PRO A 176 3.17 9.11 -28.80
CA PRO A 176 1.79 8.73 -28.50
C PRO A 176 0.96 8.59 -29.77
N GLY A 177 -0.01 7.68 -29.73
CA GLY A 177 -0.91 7.48 -30.84
C GLY A 177 -2.05 8.47 -30.82
N PRO A 178 -2.97 8.29 -31.77
CA PRO A 178 -4.14 9.19 -31.83
C PRO A 178 -4.96 9.10 -30.55
N GLN A 179 -5.53 10.22 -30.16
CA GLN A 179 -6.29 10.27 -28.91
C GLN A 179 -7.46 9.31 -28.99
N PRO A 180 -7.65 8.43 -28.00
CA PRO A 180 -8.77 7.48 -28.06
C PRO A 180 -10.11 8.17 -28.23
N THR A 181 -10.79 7.88 -29.34
CA THR A 181 -12.11 8.41 -29.62
C THR A 181 -13.02 7.25 -30.03
N ALA A 182 -14.19 7.18 -29.41
CA ALA A 182 -15.17 6.15 -29.71
C ALA A 182 -16.56 6.68 -29.44
N GLU A 183 -17.55 6.04 -30.06
CA GLU A 183 -18.93 6.44 -29.89
C GLU A 183 -19.85 5.24 -30.05
N THR A 184 -21.01 5.31 -29.41
CA THR A 184 -22.05 4.29 -29.50
C THR A 184 -23.41 4.96 -29.66
N THR A 185 -24.28 4.32 -30.42
CA THR A 185 -25.62 4.83 -30.67
C THR A 185 -26.64 3.79 -30.25
N ARG A 186 -27.68 4.24 -29.55
CA ARG A 186 -28.74 3.37 -29.07
C ARG A 186 -30.09 4.02 -29.35
N GLN A 187 -31.09 3.19 -29.64
CA GLN A 187 -32.41 3.67 -30.01
C GLN A 187 -33.47 2.82 -29.33
N PHE A 188 -34.62 3.43 -29.07
CA PHE A 188 -35.72 2.73 -28.42
C PHE A 188 -37.03 3.48 -28.67
N LEU A 189 -38.13 2.74 -28.54
CA LEU A 189 -39.47 3.29 -28.67
C LEU A 189 -39.60 4.13 -29.94
N MET A 190 -39.69 5.46 -29.81
CA MET A 190 -39.92 6.29 -30.99
C MET A 190 -38.81 6.15 -32.02
N SER A 191 -37.55 6.12 -31.55
CA SER A 191 -36.39 5.93 -32.41
C SER A 191 -36.33 6.93 -33.56
N ASP A 192 -36.61 8.20 -33.29
CA ASP A 192 -36.52 9.21 -34.33
C ASP A 192 -35.06 9.59 -34.61
N LYS A 193 -34.38 10.13 -33.60
CA LYS A 193 -32.95 10.40 -33.70
C LYS A 193 -32.35 10.31 -32.29
N PRO A 194 -32.32 9.11 -31.69
CA PRO A 194 -31.94 9.00 -30.27
C PRO A 194 -30.47 9.20 -29.98
N LEU A 195 -30.10 8.93 -28.72
CA LEU A 195 -28.79 9.30 -28.20
C LEU A 195 -27.66 8.66 -29.03
N HIS A 196 -26.62 9.45 -29.26
CA HIS A 196 -25.31 8.96 -29.68
C HIS A 196 -24.28 9.48 -28.71
N LEU A 197 -23.45 8.58 -28.19
CA LEU A 197 -22.56 8.86 -27.06
C LEU A 197 -21.13 8.99 -27.56
N GLU A 198 -20.74 10.20 -27.97
CA GLU A 198 -19.36 10.44 -28.36
C GLU A 198 -18.50 10.70 -27.14
N ALA A 199 -17.38 9.98 -27.07
CA ALA A 199 -16.42 10.13 -25.98
C ALA A 199 -15.02 10.19 -26.55
N SER A 200 -14.18 11.06 -25.98
CA SER A 200 -12.82 11.25 -26.48
C SER A 200 -11.90 11.55 -25.31
N LEU A 201 -10.81 10.81 -25.17
CA LEU A 201 -9.74 11.09 -24.21
C LEU A 201 -8.87 12.24 -24.74
N ASP A 202 -8.10 12.90 -23.89
CA ASP A 202 -7.13 13.93 -24.28
C ASP A 202 -5.96 13.31 -25.02
N LYS A 203 -5.47 12.16 -24.58
CA LYS A 203 -4.36 11.49 -25.22
C LYS A 203 -4.46 10.00 -24.91
N GLU A 204 -3.58 9.21 -25.52
CA GLU A 204 -3.59 7.77 -25.35
C GLU A 204 -2.68 7.30 -24.23
N ILE A 205 -1.54 7.97 -24.03
CA ILE A 205 -0.54 7.56 -23.05
C ILE A 205 -0.64 8.46 -21.83
N TYR A 206 -0.73 7.84 -20.66
CA TYR A 206 -0.74 8.56 -19.39
C TYR A 206 0.28 7.95 -18.44
N TYR A 207 0.86 8.79 -17.61
CA TYR A 207 1.83 8.34 -16.62
C TYR A 207 1.15 8.11 -15.27
N HIS A 208 1.71 7.19 -14.49
CA HIS A 208 1.18 6.88 -13.17
C HIS A 208 1.05 8.17 -12.36
N GLY A 209 -0.11 8.38 -11.74
CA GLY A 209 -0.39 9.60 -11.01
C GLY A 209 -0.84 10.76 -11.87
N GLU A 210 -0.88 10.59 -13.20
CA GLU A 210 -1.33 11.65 -14.08
C GLU A 210 -2.84 11.57 -14.30
N PRO A 211 -3.57 12.68 -14.18
CA PRO A 211 -5.03 12.60 -14.33
C PRO A 211 -5.43 12.11 -15.72
N ILE A 212 -6.51 11.33 -15.76
CA ILE A 212 -7.11 10.89 -17.01
C ILE A 212 -8.29 11.80 -17.32
N SER A 213 -8.23 12.47 -18.46
CA SER A 213 -9.26 13.43 -18.86
C SER A 213 -10.03 12.88 -20.04
N VAL A 214 -11.36 12.86 -19.93
CA VAL A 214 -12.24 12.32 -20.95
C VAL A 214 -13.28 13.38 -21.31
N ASN A 215 -13.47 13.61 -22.60
CA ASN A 215 -14.50 14.51 -23.09
C ASN A 215 -15.63 13.68 -23.67
N VAL A 216 -16.86 13.96 -23.22
CA VAL A 216 -18.03 13.18 -23.59
C VAL A 216 -19.12 14.12 -24.10
N HIS A 217 -19.82 13.70 -25.15
CA HIS A 217 -20.91 14.45 -25.75
C HIS A 217 -22.14 13.56 -25.85
N VAL A 218 -23.31 14.17 -25.64
CA VAL A 218 -24.57 13.45 -25.63
C VAL A 218 -25.61 14.26 -26.39
N THR A 219 -26.46 13.57 -27.14
CA THR A 219 -27.56 14.19 -27.88
C THR A 219 -28.86 13.42 -27.56
N ASN A 220 -29.49 13.80 -26.45
CA ASN A 220 -30.69 13.09 -25.97
C ASN A 220 -31.95 13.66 -26.61
N ASN A 221 -32.18 13.26 -27.86
CA ASN A 221 -33.40 13.62 -28.59
C ASN A 221 -34.44 12.52 -28.49
N THR A 222 -34.84 12.24 -27.25
CA THR A 222 -35.84 11.21 -26.97
C THR A 222 -36.59 11.58 -25.71
N ASN A 223 -37.76 10.96 -25.54
CA ASN A 223 -38.66 11.31 -24.44
C ASN A 223 -38.10 10.94 -23.08
N LYS A 224 -37.13 10.03 -23.00
CA LYS A 224 -36.55 9.58 -21.74
C LYS A 224 -35.13 10.14 -21.62
N THR A 225 -34.82 10.71 -20.45
CA THR A 225 -33.55 11.38 -20.23
C THR A 225 -32.56 10.45 -19.53
N VAL A 226 -31.36 10.97 -19.29
CA VAL A 226 -30.30 10.26 -18.60
C VAL A 226 -30.15 10.87 -17.21
N LYS A 227 -30.15 10.01 -16.18
CA LYS A 227 -30.10 10.48 -14.81
C LYS A 227 -28.68 10.72 -14.31
N LYS A 228 -27.72 9.90 -14.73
CA LYS A 228 -26.35 10.01 -14.26
C LYS A 228 -25.38 9.80 -15.42
N ILE A 229 -24.20 10.39 -15.29
CA ILE A 229 -23.08 10.17 -16.19
C ILE A 229 -21.99 9.47 -15.39
N LYS A 230 -21.67 8.24 -15.78
CA LYS A 230 -20.78 7.38 -15.01
C LYS A 230 -19.46 7.24 -15.75
N ILE A 231 -18.37 7.66 -15.10
CA ILE A 231 -17.02 7.56 -15.65
C ILE A 231 -16.19 6.71 -14.70
N SER A 232 -15.51 5.70 -15.23
CA SER A 232 -14.52 4.91 -14.48
C SER A 232 -13.42 4.36 -15.36
N VAL A 233 -12.21 4.22 -14.82
CA VAL A 233 -11.05 3.55 -15.39
C VAL A 233 -11.05 2.13 -14.87
N ARG A 234 -11.05 1.16 -15.79
CA ARG A 234 -11.01 -0.27 -15.51
C ARG A 234 -9.67 -0.86 -15.94
N GLN A 235 -9.05 -1.65 -15.07
CA GLN A 235 -7.91 -2.48 -15.40
C GLN A 235 -8.43 -3.83 -15.89
N TYR A 236 -8.07 -4.24 -17.09
CA TYR A 236 -8.44 -5.51 -17.70
C TYR A 236 -7.23 -6.43 -17.64
N ALA A 237 -7.05 -7.14 -16.54
CA ALA A 237 -5.99 -8.12 -16.41
C ALA A 237 -6.39 -9.41 -17.16
N ASP A 238 -5.89 -9.58 -18.37
CA ASP A 238 -6.05 -10.82 -19.14
C ASP A 238 -5.06 -11.86 -18.62
N ILE A 239 -5.52 -12.75 -17.74
CA ILE A 239 -4.73 -13.83 -17.17
C ILE A 239 -4.73 -15.06 -18.09
N CYS A 240 -3.62 -15.79 -18.17
CA CYS A 240 -3.55 -17.06 -18.87
C CYS A 240 -2.58 -18.05 -18.21
N LEU A 241 -3.11 -19.19 -17.77
CA LEU A 241 -2.38 -20.38 -17.30
C LEU A 241 -3.36 -21.56 -17.19
N PHE A 242 -3.17 -22.64 -17.97
CA PHE A 242 -4.11 -23.77 -18.17
C PHE A 242 -5.45 -23.41 -18.83
N ASN A 243 -6.01 -22.26 -18.50
CA ASN A 243 -7.16 -21.61 -19.11
C ASN A 243 -6.90 -20.08 -19.21
N THR A 244 -7.75 -19.34 -19.91
CA THR A 244 -7.57 -17.90 -20.17
C THR A 244 -8.79 -17.10 -19.71
N ALA A 245 -8.58 -15.91 -19.14
CA ALA A 245 -9.57 -15.17 -18.39
C ALA A 245 -9.29 -13.68 -18.49
N GLN A 246 -10.34 -12.88 -18.29
CA GLN A 246 -10.25 -11.42 -18.37
C GLN A 246 -10.95 -10.86 -17.13
N TYR A 247 -10.16 -10.47 -16.14
CA TYR A 247 -10.67 -9.89 -14.90
C TYR A 247 -10.71 -8.37 -15.02
N LYS A 248 -11.88 -7.79 -14.75
CA LYS A 248 -12.08 -6.36 -14.81
C LYS A 248 -12.15 -5.80 -13.39
N CYS A 249 -11.14 -5.04 -13.01
CA CYS A 249 -11.05 -4.45 -11.68
C CYS A 249 -10.94 -2.93 -11.80
N PRO A 250 -11.98 -2.17 -11.43
CA PRO A 250 -11.88 -0.72 -11.55
C PRO A 250 -10.85 -0.14 -10.60
N VAL A 251 -10.07 0.82 -11.08
CA VAL A 251 -8.99 1.48 -10.33
C VAL A 251 -9.27 2.95 -10.05
N ALA A 252 -10.10 3.59 -10.86
CA ALA A 252 -10.61 4.93 -10.60
C ALA A 252 -12.06 4.99 -11.05
N MET A 253 -12.92 5.53 -10.19
CA MET A 253 -14.35 5.59 -10.46
C MET A 253 -14.90 6.94 -10.04
N GLU A 254 -15.72 7.53 -10.91
CA GLU A 254 -16.33 8.83 -10.65
C GLU A 254 -17.80 8.77 -11.05
N GLU A 255 -18.67 9.24 -10.17
CA GLU A 255 -20.11 9.30 -10.43
C GLU A 255 -20.53 10.76 -10.50
N ALA A 256 -21.18 11.13 -11.60
CA ALA A 256 -21.68 12.48 -11.81
C ALA A 256 -23.19 12.44 -11.93
N ASP A 257 -23.87 13.30 -11.18
CA ASP A 257 -25.32 13.38 -11.18
C ASP A 257 -25.86 14.27 -12.30
N ASP A 258 -25.03 14.62 -13.27
CA ASP A 258 -25.48 15.46 -14.38
C ASP A 258 -26.58 14.75 -15.17
N THR A 259 -27.59 15.51 -15.57
CA THR A 259 -28.72 15.00 -16.34
C THR A 259 -28.80 15.74 -17.67
N VAL A 260 -29.17 15.01 -18.71
CA VAL A 260 -29.30 15.57 -20.05
C VAL A 260 -30.78 15.77 -20.34
N ALA A 261 -31.15 17.01 -20.69
CA ALA A 261 -32.52 17.32 -21.01
C ALA A 261 -32.89 16.70 -22.36
N PRO A 262 -34.18 16.51 -22.62
CA PRO A 262 -34.58 15.98 -23.94
C PRO A 262 -34.31 17.00 -25.03
N SER A 263 -33.04 17.17 -25.37
CA SER A 263 -32.63 18.21 -26.30
C SER A 263 -31.49 17.66 -27.15
N SER A 264 -30.84 18.53 -27.92
CA SER A 264 -29.90 18.08 -28.95
C SER A 264 -28.47 17.97 -28.46
N THR A 265 -28.06 18.75 -27.46
CA THR A 265 -26.66 18.86 -27.10
C THR A 265 -26.46 18.79 -25.60
N PHE A 266 -25.29 18.31 -25.19
CA PHE A 266 -24.85 18.32 -23.81
C PHE A 266 -23.36 18.02 -23.79
N CYS A 267 -22.58 18.86 -23.11
CA CYS A 267 -21.13 18.74 -23.12
C CYS A 267 -20.59 18.85 -21.69
N LYS A 268 -19.51 18.14 -21.43
CA LYS A 268 -18.78 18.24 -20.18
C LYS A 268 -17.51 17.41 -20.28
N VAL A 269 -16.56 17.72 -19.41
CA VAL A 269 -15.28 17.03 -19.36
C VAL A 269 -15.06 16.51 -17.94
N TYR A 270 -14.65 15.24 -17.83
CA TYR A 270 -14.42 14.60 -16.55
C TYR A 270 -12.95 14.23 -16.41
N THR A 271 -12.41 14.37 -15.19
CA THR A 271 -11.03 14.08 -14.89
C THR A 271 -10.95 13.04 -13.79
N LEU A 272 -10.11 12.02 -13.97
CA LEU A 272 -9.93 10.96 -13.00
C LEU A 272 -8.45 10.69 -12.82
N THR A 273 -8.09 10.15 -11.66
CA THR A 273 -6.70 9.83 -11.36
C THR A 273 -6.62 8.52 -10.59
N PRO A 274 -6.22 7.41 -11.23
CA PRO A 274 -6.05 6.13 -10.54
C PRO A 274 -4.84 6.14 -9.62
N PHE A 275 -4.98 5.60 -8.40
CA PHE A 275 -3.89 5.47 -7.47
C PHE A 275 -4.15 4.26 -6.57
N LEU A 276 -3.09 3.78 -5.93
CA LEU A 276 -3.15 2.54 -5.19
C LEU A 276 -3.71 2.69 -3.78
N CYS A 277 -3.80 3.92 -3.26
CA CYS A 277 -4.26 4.09 -1.88
C CYS A 277 -5.69 3.60 -1.71
N ASN A 278 -6.57 3.92 -2.65
CA ASN A 278 -7.98 3.57 -2.56
C ASN A 278 -8.29 2.20 -3.18
N ASN A 279 -7.28 1.48 -3.67
CA ASN A 279 -7.47 0.17 -4.27
C ASN A 279 -6.66 -0.92 -3.58
N ARG A 280 -6.33 -0.72 -2.30
CA ARG A 280 -5.54 -1.72 -1.59
C ARG A 280 -6.35 -2.96 -1.24
N GLU A 281 -7.60 -2.78 -0.82
CA GLU A 281 -8.42 -3.90 -0.38
C GLU A 281 -8.82 -4.83 -1.51
N LYS A 282 -8.64 -4.43 -2.77
CA LYS A 282 -9.06 -5.24 -3.90
C LYS A 282 -8.04 -6.36 -4.17
N ARG A 283 -8.32 -7.55 -3.65
CA ARG A 283 -7.51 -8.76 -3.88
C ARG A 283 -7.45 -9.09 -5.37
N GLY A 284 -6.30 -9.49 -5.89
CA GLY A 284 -6.17 -9.83 -7.30
C GLY A 284 -5.87 -8.67 -8.22
N LEU A 285 -5.84 -7.43 -7.75
CA LEU A 285 -5.50 -6.28 -8.60
C LEU A 285 -4.07 -6.42 -9.11
N ALA A 286 -3.81 -6.20 -10.40
CA ALA A 286 -2.46 -6.35 -10.94
C ALA A 286 -1.59 -5.14 -10.58
N LEU A 287 -0.42 -5.42 -10.00
CA LEU A 287 0.56 -4.44 -9.57
C LEU A 287 1.90 -4.74 -10.21
N ASP A 288 2.72 -3.71 -10.37
CA ASP A 288 4.06 -3.91 -10.90
C ASP A 288 4.83 -4.87 -9.99
N GLY A 289 5.62 -5.74 -10.61
CA GLY A 289 6.30 -6.79 -9.87
C GLY A 289 7.11 -6.27 -8.71
N LYS A 290 6.86 -6.84 -7.52
CA LYS A 290 7.61 -6.44 -6.33
C LYS A 290 9.03 -6.99 -6.40
N LEU A 291 10.01 -6.12 -6.18
CA LEU A 291 11.39 -6.56 -6.11
C LEU A 291 11.65 -7.33 -4.81
N LYS A 292 10.94 -6.97 -3.75
CA LYS A 292 11.02 -7.66 -2.47
C LYS A 292 9.67 -7.52 -1.78
N HIS A 293 9.66 -7.58 -0.44
CA HIS A 293 8.45 -7.32 0.34
C HIS A 293 8.28 -5.81 0.51
N GLU A 294 7.78 -5.17 -0.55
CA GLU A 294 7.62 -3.72 -0.58
C GLU A 294 6.29 -3.39 -1.24
N ASP A 295 6.13 -2.13 -1.64
CA ASP A 295 4.93 -1.65 -2.33
C ASP A 295 5.31 -1.04 -3.67
N THR A 296 4.45 -1.23 -4.66
CA THR A 296 4.68 -0.72 -6.00
C THR A 296 3.37 -0.19 -6.57
N ASN A 297 3.48 0.63 -7.60
CA ASN A 297 2.33 1.25 -8.23
C ASN A 297 1.51 0.20 -8.98
N LEU A 298 0.33 0.63 -9.47
CA LEU A 298 -0.61 -0.17 -10.25
C LEU A 298 0.07 -0.68 -11.52
N ALA A 299 -0.21 -1.88 -11.99
CA ALA A 299 0.57 -2.44 -13.09
C ALA A 299 0.51 -1.57 -14.34
N SER A 300 1.65 -1.33 -14.98
CA SER A 300 1.68 -0.62 -16.26
C SER A 300 1.02 -1.43 -17.36
N SER A 301 0.44 -0.81 -18.38
CA SER A 301 -0.04 -1.49 -19.58
C SER A 301 1.03 -2.38 -20.19
N THR A 302 0.69 -3.61 -20.56
CA THR A 302 1.59 -4.45 -21.34
C THR A 302 1.52 -4.01 -22.80
N LEU A 303 2.59 -3.47 -23.35
CA LEU A 303 2.72 -3.22 -24.79
C LEU A 303 2.95 -4.54 -25.52
N LEU A 304 2.26 -4.74 -26.64
CA LEU A 304 2.33 -5.94 -27.47
C LEU A 304 2.76 -5.59 -28.89
N ARG A 305 3.57 -6.46 -29.53
CA ARG A 305 3.93 -6.34 -30.94
C ARG A 305 2.73 -6.65 -31.86
N GLU A 306 2.80 -6.16 -33.10
CA GLU A 306 1.73 -6.31 -34.09
C GLU A 306 1.55 -7.72 -34.67
N GLY A 307 2.48 -8.62 -34.33
CA GLY A 307 2.34 -10.02 -34.78
C GLY A 307 1.06 -10.74 -34.39
N ALA A 308 0.82 -10.91 -33.09
CA ALA A 308 -0.48 -11.48 -32.68
C ALA A 308 -0.59 -11.19 -31.19
N ASN A 309 -1.80 -10.91 -30.70
CA ASN A 309 -1.97 -10.78 -29.23
C ASN A 309 -2.15 -12.23 -28.79
N ARG A 310 -1.08 -13.01 -28.88
CA ARG A 310 -1.21 -14.44 -28.58
C ARG A 310 -1.73 -14.62 -27.15
N GLU A 311 -2.43 -15.71 -26.89
CA GLU A 311 -2.88 -16.09 -25.52
C GLU A 311 -1.37 -16.21 -25.25
N ILE A 312 -0.82 -15.33 -24.41
CA ILE A 312 0.60 -15.33 -24.07
C ILE A 312 0.32 -15.66 -22.60
N LEU A 313 1.17 -16.47 -21.98
CA LEU A 313 1.03 -16.87 -20.58
C LEU A 313 1.22 -15.67 -19.63
N GLY A 314 0.80 -15.81 -18.38
CA GLY A 314 0.96 -14.77 -17.38
C GLY A 314 -0.17 -13.77 -17.40
N ILE A 315 0.11 -12.54 -16.96
CA ILE A 315 -0.86 -11.45 -16.96
C ILE A 315 -0.48 -10.47 -18.09
N ILE A 316 -1.44 -10.15 -18.94
CA ILE A 316 -1.39 -8.99 -19.85
C ILE A 316 -2.32 -7.94 -19.26
N VAL A 317 -1.84 -6.73 -19.02
CA VAL A 317 -2.65 -5.65 -18.42
C VAL A 317 -2.99 -4.60 -19.47
N SER A 318 -4.24 -4.19 -19.55
CA SER A 318 -4.65 -3.00 -20.30
C SER A 318 -5.64 -2.18 -19.48
N TYR A 319 -5.84 -0.93 -19.87
CA TYR A 319 -6.78 -0.02 -19.23
C TYR A 319 -7.76 0.53 -20.26
N LYS A 320 -9.00 0.74 -19.84
CA LYS A 320 -9.98 1.55 -20.59
C LYS A 320 -10.72 2.45 -19.62
N VAL A 321 -11.03 3.69 -20.01
CA VAL A 321 -12.05 4.47 -19.30
C VAL A 321 -13.40 4.18 -19.94
N LYS A 322 -14.41 3.84 -19.16
CA LYS A 322 -15.77 3.56 -19.60
C LYS A 322 -16.69 4.69 -19.16
N VAL A 323 -17.41 5.26 -20.10
CA VAL A 323 -18.41 6.30 -19.87
C VAL A 323 -19.78 5.69 -20.15
N LYS A 324 -20.68 5.79 -19.18
CA LYS A 324 -21.98 5.15 -19.25
C LYS A 324 -23.10 6.17 -19.03
N LEU A 325 -24.17 6.03 -19.80
CA LEU A 325 -25.36 6.86 -19.68
C LEU A 325 -26.52 5.97 -19.26
N VAL A 326 -27.02 6.18 -18.05
CA VAL A 326 -28.15 5.41 -17.53
C VAL A 326 -29.42 6.17 -17.92
N VAL A 327 -29.94 5.82 -19.09
CA VAL A 327 -31.14 6.47 -19.62
C VAL A 327 -32.31 6.26 -18.67
N ASP A 340 -29.18 1.42 -21.09
CA ASP A 340 -28.07 2.35 -20.90
C ASP A 340 -27.15 2.36 -22.11
N VAL A 341 -26.46 3.48 -22.31
CA VAL A 341 -25.52 3.64 -23.42
C VAL A 341 -24.13 3.82 -22.83
N ALA A 342 -23.19 3.00 -23.29
CA ALA A 342 -21.82 3.04 -22.78
C ALA A 342 -20.84 2.83 -23.93
N VAL A 343 -19.63 3.33 -23.73
CA VAL A 343 -18.55 3.17 -24.70
C VAL A 343 -17.23 3.22 -23.95
N GLU A 344 -16.26 2.44 -24.38
CA GLU A 344 -14.96 2.32 -23.73
C GLU A 344 -13.89 3.01 -24.58
N LEU A 345 -13.02 3.79 -23.95
CA LEU A 345 -11.85 4.39 -24.57
C LEU A 345 -10.58 3.68 -24.06
N PRO A 346 -9.87 2.91 -24.90
CA PRO A 346 -8.66 2.22 -24.51
C PRO A 346 -7.48 3.17 -24.38
N PHE A 347 -6.60 2.95 -23.41
CA PHE A 347 -5.46 3.83 -23.17
C PHE A 347 -4.28 3.07 -22.54
N THR A 348 -3.14 3.73 -22.48
CA THR A 348 -1.87 3.16 -22.03
C THR A 348 -1.46 3.85 -20.73
N LEU A 349 -1.42 3.14 -19.61
CA LEU A 349 -0.92 3.67 -18.33
C LEU A 349 0.49 3.15 -18.09
N MET A 350 1.52 3.97 -18.22
CA MET A 350 2.92 3.50 -18.22
C MET A 350 3.88 4.54 -17.68
N HIS A 351 5.05 4.13 -17.19
CA HIS A 351 6.05 5.10 -16.80
C HIS A 351 6.80 5.62 -18.03
N PRO A 352 7.22 6.88 -18.03
CA PRO A 352 8.13 7.35 -19.08
C PRO A 352 9.50 6.71 -18.94
N LYS A 353 10.22 6.64 -20.04
CA LYS A 353 11.55 6.03 -19.99
C LYS A 353 12.42 6.84 -19.02
N PRO A 354 13.16 6.16 -18.14
CA PRO A 354 13.83 6.91 -17.05
C PRO A 354 14.84 7.94 -17.54
N LYS A 355 15.54 7.68 -18.65
CA LYS A 355 16.67 8.49 -19.08
C LYS A 355 17.78 8.49 -18.03
N GLU A 356 17.73 7.55 -17.10
CA GLU A 356 18.69 7.44 -16.01
C GLU A 356 18.85 5.97 -15.68
N GLU A 357 19.35 5.70 -14.48
CA GLU A 357 19.40 4.33 -13.99
C GLU A 357 17.97 3.81 -13.82
N PRO A 358 17.70 2.55 -14.14
CA PRO A 358 16.31 2.06 -14.18
C PRO A 358 15.66 1.99 -12.81
N PRO A 359 16.39 1.61 -11.72
CA PRO A 359 15.68 1.20 -10.50
C PRO A 359 14.94 2.34 -9.81
N HIS A 360 14.36 2.03 -8.65
CA HIS A 360 13.43 2.93 -7.97
C HIS A 360 14.06 4.27 -7.57
N ARG A 361 15.39 4.35 -7.57
CA ARG A 361 16.11 5.58 -7.25
C ARG A 361 15.90 5.96 -5.78
N GLU A 362 16.14 4.99 -4.90
CA GLU A 362 16.23 5.22 -3.46
C GLU A 362 14.97 5.91 -2.92
N VAL A 363 13.86 5.18 -2.98
CA VAL A 363 12.65 5.60 -2.28
C VAL A 363 12.93 5.48 -0.79
N PRO A 364 12.64 6.49 0.03
CA PRO A 364 13.04 6.42 1.44
C PRO A 364 12.49 5.18 2.12
N GLU A 365 13.35 4.54 2.92
CA GLU A 365 12.96 3.37 3.68
C GLU A 365 12.68 3.77 5.13
N ASN A 366 11.52 3.35 5.64
CA ASN A 366 11.11 3.69 7.00
C ASN A 366 11.74 2.71 7.99
N GLU A 367 13.02 2.90 8.23
CA GLU A 367 13.77 2.05 9.15
C GLU A 367 13.21 2.14 10.56
N VAL B 6 5.81 25.62 -12.71
CA VAL B 6 5.68 25.03 -11.35
C VAL B 6 5.99 26.07 -10.28
N GLN B 7 4.98 26.40 -9.48
CA GLN B 7 5.12 27.38 -8.41
C GLN B 7 4.48 26.84 -7.14
N LEU B 8 5.14 27.06 -6.02
CA LEU B 8 4.66 26.63 -4.70
C LEU B 8 4.55 27.87 -3.82
N VAL B 9 3.40 28.54 -3.88
CA VAL B 9 3.14 29.70 -3.03
C VAL B 9 2.67 29.21 -1.67
N GLU B 10 3.20 29.81 -0.61
CA GLU B 10 2.93 29.38 0.75
C GLU B 10 2.25 30.50 1.54
N SER B 11 1.43 30.09 2.50
CA SER B 11 0.71 31.02 3.37
C SER B 11 0.50 30.37 4.72
N GLY B 12 0.23 31.21 5.72
CA GLY B 12 -0.03 30.76 7.08
C GLY B 12 1.03 31.18 8.08
N GLY B 13 2.13 31.78 7.64
CA GLY B 13 3.13 32.24 8.58
C GLY B 13 2.61 33.35 9.46
N GLY B 14 3.14 33.40 10.68
CA GLY B 14 2.68 34.41 11.62
C GLY B 14 3.42 34.29 12.94
N LEU B 15 2.92 35.01 13.93
CA LEU B 15 3.50 35.07 15.25
C LEU B 15 2.57 34.40 16.25
N VAL B 16 3.08 33.39 16.96
CA VAL B 16 2.29 32.63 17.92
C VAL B 16 3.11 32.43 19.18
N GLN B 17 2.41 32.10 20.28
CA GLN B 17 3.03 31.85 21.56
C GLN B 17 3.20 30.35 21.79
N PRO B 18 4.05 29.96 22.74
CA PRO B 18 4.25 28.52 22.99
C PRO B 18 2.95 27.85 23.39
N GLY B 19 2.79 26.60 22.96
CA GLY B 19 1.60 25.83 23.24
C GLY B 19 0.43 26.09 22.31
N GLY B 20 0.58 27.00 21.35
CA GLY B 20 -0.47 27.30 20.40
C GLY B 20 -0.43 26.38 19.19
N SER B 21 -1.29 26.68 18.22
CA SER B 21 -1.39 25.92 16.99
C SER B 21 -1.35 26.87 15.81
N LEU B 22 -0.73 26.43 14.72
CA LEU B 22 -0.62 27.23 13.51
C LEU B 22 -0.89 26.34 12.30
N ARG B 23 -1.38 26.98 11.22
CA ARG B 23 -1.71 26.29 9.98
C ARG B 23 -0.85 26.84 8.85
N LEU B 24 -0.20 25.93 8.12
CA LEU B 24 0.59 26.29 6.96
C LEU B 24 -0.04 25.68 5.72
N SER B 25 -0.30 26.51 4.72
CA SER B 25 -0.93 26.09 3.47
C SER B 25 -0.02 26.47 2.31
N CYS B 26 0.20 25.52 1.40
CA CYS B 26 1.04 25.73 0.22
C CYS B 26 0.27 25.27 -1.01
N ALA B 27 -0.17 26.23 -1.83
CA ALA B 27 -0.90 25.90 -3.04
C ALA B 27 0.06 25.30 -4.07
N ALA B 28 -0.36 24.19 -4.68
CA ALA B 28 0.45 23.49 -5.66
C ALA B 28 -0.05 23.80 -7.07
N SER B 29 0.86 24.25 -7.94
CA SER B 29 0.56 24.56 -9.31
C SER B 29 1.63 23.97 -10.22
N GLY B 30 1.21 23.45 -11.37
CA GLY B 30 2.13 22.89 -12.34
C GLY B 30 2.47 21.43 -12.12
N PHE B 31 1.98 20.80 -11.07
CA PHE B 31 2.25 19.39 -10.81
C PHE B 31 1.06 18.79 -10.08
N ASN B 32 0.95 17.47 -10.18
CA ASN B 32 -0.16 16.73 -9.60
C ASN B 32 0.24 16.16 -8.24
N VAL B 33 -0.71 16.18 -7.30
CA VAL B 33 -0.44 15.68 -5.96
C VAL B 33 -0.12 14.18 -6.00
N TYR B 34 -0.88 13.41 -6.79
CA TYR B 34 -0.64 11.97 -6.86
C TYR B 34 0.67 11.66 -7.56
N SER B 35 1.12 12.52 -8.47
CA SER B 35 2.37 12.32 -9.18
C SER B 35 3.57 12.93 -8.47
N SER B 36 3.37 13.51 -7.28
CA SER B 36 4.43 14.16 -6.53
C SER B 36 4.29 13.83 -5.05
N SER B 37 5.39 14.02 -4.32
CA SER B 37 5.41 13.87 -2.87
C SER B 37 5.80 15.21 -2.25
N ILE B 38 4.97 15.69 -1.32
CA ILE B 38 5.16 17.00 -0.72
C ILE B 38 5.96 16.84 0.57
N HIS B 39 6.86 17.79 0.82
CA HIS B 39 7.74 17.76 1.97
C HIS B 39 7.77 19.14 2.63
N TRP B 40 8.03 19.14 3.93
CA TRP B 40 8.25 20.37 4.69
C TRP B 40 9.61 20.31 5.35
N VAL B 41 10.37 21.40 5.25
CA VAL B 41 11.76 21.44 5.72
C VAL B 41 11.91 22.62 6.66
N ARG B 42 12.54 22.37 7.81
CA ARG B 42 12.85 23.42 8.77
C ARG B 42 14.15 24.11 8.40
N GLN B 43 14.31 25.33 8.91
CA GLN B 43 15.60 26.02 8.89
C GLN B 43 15.59 27.04 10.03
N ALA B 44 16.25 26.68 11.13
CA ALA B 44 16.32 27.59 12.26
C ALA B 44 17.25 28.76 11.93
N PRO B 45 17.04 29.92 12.56
CA PRO B 45 17.89 31.07 12.25
C PRO B 45 19.35 30.79 12.58
N GLY B 46 20.20 30.86 11.56
CA GLY B 46 21.61 30.59 11.73
C GLY B 46 21.98 29.13 11.78
N LYS B 47 21.09 28.22 11.37
CA LYS B 47 21.34 26.80 11.39
C LYS B 47 21.01 26.22 10.01
N GLY B 48 21.24 24.91 9.87
CA GLY B 48 21.02 24.23 8.60
C GLY B 48 19.58 23.75 8.44
N LEU B 49 19.34 23.10 7.32
CA LEU B 49 18.01 22.57 7.02
C LEU B 49 17.71 21.35 7.89
N GLU B 50 16.43 21.03 8.00
CA GLU B 50 16.00 19.86 8.77
C GLU B 50 14.61 19.45 8.30
N TRP B 51 14.47 18.20 7.89
CA TRP B 51 13.19 17.66 7.46
C TRP B 51 12.28 17.43 8.66
N VAL B 52 10.99 17.76 8.50
CA VAL B 52 10.02 17.64 9.57
C VAL B 52 8.87 16.70 9.21
N ALA B 53 8.36 16.78 7.99
CA ALA B 53 7.23 15.93 7.59
C ALA B 53 7.18 15.84 6.07
N SER B 54 6.50 14.81 5.59
CA SER B 54 6.30 14.59 4.16
C SER B 54 5.07 13.72 3.96
N ILE B 55 4.50 13.80 2.77
CA ILE B 55 3.30 13.05 2.42
C ILE B 55 3.42 12.58 0.97
N SER B 56 2.99 11.35 0.73
CA SER B 56 2.93 10.78 -0.62
C SER B 56 1.49 10.32 -0.85
N SER B 57 0.71 11.14 -1.59
CA SER B 57 -0.70 10.86 -1.75
C SER B 57 -0.95 9.56 -2.51
N TYR B 58 -0.09 9.21 -3.46
CA TYR B 58 -0.30 7.99 -4.23
C TYR B 58 -0.37 6.78 -3.31
N TYR B 59 0.61 6.63 -2.42
CA TYR B 59 0.59 5.60 -1.40
C TYR B 59 0.03 6.11 -0.07
N CYS B 60 -0.39 7.36 -0.02
CA CYS B 60 -0.94 7.98 1.19
C CYS B 60 -0.12 7.62 2.43
N TYR B 61 1.19 7.81 2.32
CA TYR B 61 2.07 7.68 3.46
C TYR B 61 2.15 9.01 4.22
N THR B 62 2.57 8.92 5.47
CA THR B 62 2.77 10.10 6.31
C THR B 62 3.95 9.84 7.23
N TYR B 63 4.97 10.68 7.15
CA TYR B 63 6.18 10.54 7.94
C TYR B 63 6.46 11.83 8.69
N TYR B 64 6.99 11.71 9.90
CA TYR B 64 7.31 12.86 10.73
C TYR B 64 8.65 12.62 11.42
N ALA B 65 9.31 13.71 11.76
CA ALA B 65 10.59 13.63 12.48
C ALA B 65 10.36 13.24 13.93
N ASP B 66 11.43 12.80 14.58
CA ASP B 66 11.33 12.39 15.98
C ASP B 66 10.88 13.56 16.86
N SER B 67 11.46 14.75 16.64
CA SER B 67 11.02 15.94 17.35
C SER B 67 9.66 16.43 16.88
N VAL B 68 9.15 15.89 15.78
CA VAL B 68 7.85 16.28 15.25
C VAL B 68 6.82 15.17 15.30
N LYS B 69 7.23 13.92 15.47
CA LYS B 69 6.28 12.81 15.47
C LYS B 69 5.27 12.97 16.60
N GLY B 70 3.99 12.99 16.25
CA GLY B 70 2.93 13.12 17.23
C GLY B 70 2.53 14.54 17.54
N ARG B 71 3.31 15.54 17.12
CA ARG B 71 3.01 16.94 17.36
C ARG B 71 2.40 17.65 16.16
N PHE B 72 2.93 17.39 14.96
CA PHE B 72 2.40 17.98 13.74
C PHE B 72 1.64 16.92 12.94
N THR B 73 0.90 17.40 11.94
CA THR B 73 0.14 16.53 11.05
C THR B 73 0.12 17.15 9.67
N ILE B 74 0.42 16.35 8.65
CA ILE B 74 0.50 16.80 7.27
C ILE B 74 -0.61 16.14 6.47
N SER B 75 -1.36 16.96 5.74
CA SER B 75 -2.46 16.48 4.91
C SER B 75 -2.42 17.20 3.57
N ALA B 76 -2.96 16.55 2.54
CA ALA B 76 -2.99 17.08 1.19
C ALA B 76 -4.40 17.08 0.66
N ASP B 77 -4.79 18.17 -0.02
CA ASP B 77 -6.10 18.33 -0.62
C ASP B 77 -5.94 18.16 -2.13
N THR B 78 -6.27 16.97 -2.63
CA THR B 78 -6.11 16.69 -4.06
C THR B 78 -7.04 17.58 -4.89
N SER B 79 -8.28 17.76 -4.45
CA SER B 79 -9.22 18.56 -5.22
C SER B 79 -8.74 20.00 -5.37
N LYS B 80 -8.25 20.59 -4.28
CA LYS B 80 -7.71 21.94 -4.32
C LYS B 80 -6.26 21.99 -4.77
N ASN B 81 -5.60 20.84 -4.90
CA ASN B 81 -4.20 20.77 -5.31
C ASN B 81 -3.33 21.63 -4.38
N THR B 82 -3.35 21.27 -3.10
CA THR B 82 -2.58 21.98 -2.09
C THR B 82 -2.26 21.03 -0.95
N ALA B 83 -1.25 21.40 -0.16
CA ALA B 83 -0.82 20.62 0.98
C ALA B 83 -0.87 21.49 2.23
N TYR B 84 -1.33 20.90 3.33
CA TYR B 84 -1.46 21.59 4.60
C TYR B 84 -0.64 20.89 5.67
N LEU B 85 0.01 21.67 6.53
CA LEU B 85 0.74 21.16 7.68
C LEU B 85 0.10 21.73 8.94
N GLN B 86 -0.36 20.85 9.82
CA GLN B 86 -0.97 21.24 11.09
C GLN B 86 0.07 21.17 12.19
N MET B 87 0.20 22.25 12.95
CA MET B 87 1.18 22.36 14.02
C MET B 87 0.46 22.55 15.34
N ASN B 88 0.82 21.73 16.33
CA ASN B 88 0.20 21.77 17.64
C ASN B 88 1.28 21.73 18.71
N SER B 89 0.95 22.30 19.87
CA SER B 89 1.87 22.32 21.02
C SER B 89 3.21 22.94 20.61
N LEU B 90 3.15 24.06 19.88
CA LEU B 90 4.35 24.73 19.44
C LEU B 90 5.21 25.12 20.63
N ARG B 91 6.51 24.86 20.52
CA ARG B 91 7.47 25.13 21.58
C ARG B 91 8.46 26.19 21.10
N ALA B 92 9.37 26.58 22.01
CA ALA B 92 10.29 27.68 21.72
C ALA B 92 11.21 27.34 20.55
N GLU B 93 11.73 26.11 20.52
CA GLU B 93 12.70 25.75 19.49
C GLU B 93 12.06 25.54 18.12
N ASP B 94 10.73 25.55 18.03
CA ASP B 94 10.07 25.44 16.73
C ASP B 94 10.32 26.66 15.85
N THR B 95 10.82 27.76 16.41
CA THR B 95 11.09 28.96 15.63
C THR B 95 12.04 28.65 14.48
N ALA B 96 11.55 28.76 13.25
CA ALA B 96 12.35 28.46 12.08
C ALA B 96 11.56 28.84 10.83
N VAL B 97 12.24 28.88 9.70
CA VAL B 97 11.62 29.15 8.42
C VAL B 97 11.27 27.84 7.76
N TYR B 98 9.99 27.64 7.44
CA TYR B 98 9.49 26.39 6.90
C TYR B 98 9.30 26.52 5.39
N TYR B 99 9.96 25.65 4.64
CA TYR B 99 9.84 25.61 3.18
C TYR B 99 9.02 24.38 2.78
N CYS B 100 8.17 24.55 1.78
CA CYS B 100 7.42 23.45 1.21
C CYS B 100 8.11 23.02 -0.08
N ALA B 101 8.52 21.75 -0.13
CA ALA B 101 9.24 21.20 -1.27
C ALA B 101 8.53 19.94 -1.75
N ARG B 102 8.69 19.65 -3.04
CA ARG B 102 8.08 18.49 -3.67
C ARG B 102 9.14 17.61 -4.29
N SER B 103 8.77 16.36 -4.54
CA SER B 103 9.63 15.42 -5.25
C SER B 103 8.75 14.49 -6.07
N ARG B 104 9.33 13.94 -7.13
CA ARG B 104 8.60 12.99 -7.95
C ARG B 104 8.11 11.82 -7.12
N GLN B 105 6.86 11.42 -7.33
CA GLN B 105 6.25 10.42 -6.46
C GLN B 105 6.99 9.10 -6.51
N PHE B 106 7.37 8.65 -7.71
CA PHE B 106 7.96 7.33 -7.87
C PHE B 106 9.49 7.38 -7.85
N TRP B 107 10.08 8.12 -8.80
CA TRP B 107 11.53 8.27 -8.86
C TRP B 107 11.91 9.54 -8.12
N TYR B 108 12.15 9.41 -6.82
CA TYR B 108 12.33 10.57 -5.94
C TYR B 108 13.24 11.63 -6.55
N SER B 109 14.50 11.28 -6.85
CA SER B 109 15.42 12.17 -7.54
C SER B 109 15.55 13.52 -6.83
N GLY B 110 15.53 13.48 -5.49
CA GLY B 110 15.75 14.67 -4.69
C GLY B 110 14.56 15.61 -4.71
N LEU B 111 14.70 16.69 -3.95
CA LEU B 111 13.69 17.75 -3.89
C LEU B 111 13.99 18.76 -4.99
N ASP B 112 13.14 18.78 -6.01
CA ASP B 112 13.40 19.60 -7.19
C ASP B 112 12.90 21.03 -7.04
N TYR B 113 11.66 21.21 -6.58
CA TYR B 113 11.05 22.52 -6.46
C TYR B 113 10.83 22.89 -5.00
N TRP B 114 11.15 24.14 -4.67
CA TRP B 114 11.00 24.66 -3.31
C TRP B 114 10.12 25.91 -3.35
N GLY B 115 9.22 26.01 -2.38
CA GLY B 115 8.42 27.21 -2.23
C GLY B 115 9.06 28.21 -1.29
N GLN B 116 8.67 29.48 -1.46
CA GLN B 116 9.20 30.52 -0.59
C GLN B 116 8.78 30.26 0.85
N GLY B 117 9.77 30.15 1.73
CA GLY B 117 9.49 29.77 3.10
C GLY B 117 8.66 30.82 3.83
N THR B 118 7.85 30.32 4.78
CA THR B 118 7.05 31.17 5.66
C THR B 118 7.66 31.12 7.05
N LEU B 119 7.93 32.29 7.61
CA LEU B 119 8.59 32.37 8.91
C LEU B 119 7.61 32.02 10.02
N VAL B 120 7.98 31.05 10.85
CA VAL B 120 7.21 30.66 12.02
C VAL B 120 8.07 30.93 13.25
N THR B 121 7.57 31.78 14.15
CA THR B 121 8.29 32.17 15.35
C THR B 121 7.40 31.89 16.56
N VAL B 122 7.98 31.26 17.58
CA VAL B 122 7.28 30.94 18.82
C VAL B 122 8.04 31.59 19.97
N SER B 123 7.35 32.43 20.73
CA SER B 123 7.95 33.09 21.88
C SER B 123 6.84 33.68 22.74
N SER B 124 7.16 33.92 24.00
CA SER B 124 6.21 34.47 24.96
C SER B 124 6.29 36.00 25.06
N ALA B 125 7.17 36.63 24.30
CA ALA B 125 7.31 38.08 24.36
C ALA B 125 6.16 38.76 23.63
N SER B 126 5.95 40.03 23.95
CA SER B 126 4.89 40.84 23.36
C SER B 126 5.51 41.91 22.45
N THR B 127 4.65 42.54 21.66
CA THR B 127 5.09 43.56 20.72
C THR B 127 5.47 44.84 21.46
N LYS B 128 6.76 45.00 21.75
CA LYS B 128 7.26 46.17 22.46
C LYS B 128 7.99 47.09 21.50
N GLY B 129 7.75 48.39 21.63
CA GLY B 129 8.37 49.38 20.78
C GLY B 129 9.86 49.48 21.02
N PRO B 130 10.62 49.86 19.98
CA PRO B 130 12.07 49.96 20.13
C PRO B 130 12.47 51.14 21.01
N SER B 131 13.65 51.02 21.61
CA SER B 131 14.27 52.09 22.37
C SER B 131 15.53 52.53 21.64
N VAL B 132 15.68 53.84 21.44
CA VAL B 132 16.77 54.41 20.66
C VAL B 132 17.69 55.17 21.61
N PHE B 133 18.99 54.87 21.54
CA PHE B 133 19.99 55.57 22.32
C PHE B 133 21.16 55.95 21.42
N PRO B 134 21.69 57.17 21.55
CA PRO B 134 22.83 57.57 20.71
C PRO B 134 24.12 56.92 21.17
N LEU B 135 25.08 56.90 20.25
CA LEU B 135 26.40 56.35 20.52
C LEU B 135 27.49 57.35 20.16
N THR B 146 39.67 58.84 10.34
CA THR B 146 38.23 58.78 10.10
C THR B 146 37.49 58.43 11.38
N ALA B 147 36.37 59.12 11.63
CA ALA B 147 35.56 58.90 12.81
C ALA B 147 34.32 58.08 12.46
N ALA B 148 33.66 57.58 13.50
CA ALA B 148 32.47 56.77 13.34
C ALA B 148 31.44 57.17 14.39
N LEU B 149 30.17 56.98 14.06
CA LEU B 149 29.07 57.28 14.97
C LEU B 149 27.90 56.38 14.65
N GLY B 150 27.01 56.22 15.62
CA GLY B 150 25.87 55.35 15.43
C GLY B 150 24.86 55.50 16.54
N CYS B 151 23.86 54.63 16.50
CA CYS B 151 22.82 54.59 17.52
C CYS B 151 22.44 53.14 17.78
N LEU B 152 21.85 52.89 18.95
CA LEU B 152 21.49 51.55 19.38
C LEU B 152 19.98 51.42 19.40
N VAL B 153 19.47 50.38 18.75
CA VAL B 153 18.06 50.02 18.78
C VAL B 153 17.92 48.80 19.67
N LYS B 154 17.11 48.94 20.71
CA LYS B 154 17.02 47.83 21.69
C LYS B 154 15.59 47.71 22.22
N ASP B 155 15.24 46.52 22.70
CA ASP B 155 13.94 46.22 23.29
C ASP B 155 12.82 46.36 22.27
N TYR B 156 12.96 45.64 21.15
CA TYR B 156 11.91 45.53 20.15
C TYR B 156 11.71 44.06 19.82
N PHE B 157 10.48 43.58 19.97
CA PHE B 157 10.19 42.16 19.77
C PHE B 157 10.04 41.82 18.29
N PRO B 158 9.26 42.58 17.51
CA PRO B 158 9.09 42.23 16.10
C PRO B 158 10.41 42.25 15.35
N GLU B 159 10.57 41.27 14.45
CA GLU B 159 11.83 41.12 13.74
C GLU B 159 12.17 42.32 12.85
N PRO B 160 11.29 42.75 11.94
CA PRO B 160 11.71 43.78 10.98
C PRO B 160 11.95 45.13 11.63
N VAL B 161 12.91 45.86 11.09
CA VAL B 161 13.23 47.22 11.54
C VAL B 161 13.74 47.99 10.33
N THR B 162 13.37 49.27 10.26
CA THR B 162 13.83 50.16 9.20
C THR B 162 14.64 51.28 9.83
N VAL B 163 15.89 51.44 9.37
CA VAL B 163 16.80 52.44 9.89
C VAL B 163 17.37 53.23 8.72
N SER B 164 17.33 54.55 8.81
CA SER B 164 17.88 55.43 7.79
C SER B 164 18.64 56.56 8.47
N TRP B 165 19.64 57.08 7.77
CA TRP B 165 20.47 58.18 8.25
C TRP B 165 20.25 59.41 7.38
N ASN B 166 19.96 60.54 8.03
CA ASN B 166 19.71 61.80 7.32
C ASN B 166 18.63 61.61 6.26
N SER B 167 17.56 60.91 6.63
CA SER B 167 16.46 60.62 5.71
C SER B 167 16.96 59.88 4.47
N GLY B 168 17.92 58.97 4.67
CA GLY B 168 18.48 58.20 3.59
C GLY B 168 19.57 58.88 2.80
N ALA B 169 19.94 60.11 3.16
CA ALA B 169 20.98 60.81 2.42
C ALA B 169 22.31 60.08 2.50
N LEU B 170 22.66 59.59 3.68
CA LEU B 170 23.93 58.90 3.89
C LEU B 170 23.73 57.40 3.64
N THR B 171 24.41 56.88 2.62
CA THR B 171 24.35 55.47 2.27
C THR B 171 25.70 54.78 2.38
N SER B 172 26.75 55.38 1.81
CA SER B 172 28.07 54.78 1.86
C SER B 172 28.62 54.83 3.29
N GLY B 173 29.29 53.76 3.69
CA GLY B 173 29.87 53.67 5.01
C GLY B 173 28.89 53.40 6.13
N VAL B 174 27.66 53.02 5.81
CA VAL B 174 26.63 52.75 6.81
C VAL B 174 26.49 51.24 6.96
N HIS B 175 26.55 50.77 8.20
CA HIS B 175 26.44 49.35 8.51
C HIS B 175 25.30 49.13 9.49
N THR B 176 24.44 48.16 9.18
CA THR B 176 23.33 47.77 10.05
C THR B 176 23.52 46.31 10.42
N PHE B 177 23.88 46.04 11.67
CA PHE B 177 24.20 44.68 12.09
C PHE B 177 22.93 43.87 12.31
N PRO B 178 23.02 42.55 12.18
CA PRO B 178 21.82 41.71 12.40
C PRO B 178 21.32 41.81 13.83
N ALA B 179 20.02 41.63 13.99
CA ALA B 179 19.41 41.67 15.32
C ALA B 179 19.92 40.52 16.17
N VAL B 180 19.96 40.74 17.49
CA VAL B 180 20.44 39.77 18.45
C VAL B 180 19.38 39.57 19.51
N LEU B 181 19.12 38.31 19.85
CA LEU B 181 18.13 38.00 20.86
C LEU B 181 18.63 38.38 22.25
N GLN B 182 17.66 38.64 23.15
CA GLN B 182 18.01 38.98 24.54
C GLN B 182 17.28 38.02 25.48
N SER B 183 17.81 37.80 26.69
CA SER B 183 17.26 36.85 27.64
C SER B 183 15.78 37.07 27.88
N SER B 184 15.27 38.28 27.62
CA SER B 184 13.86 38.58 27.77
C SER B 184 13.06 38.33 26.50
N GLY B 185 13.70 37.84 25.44
CA GLY B 185 13.01 37.58 24.19
C GLY B 185 12.99 38.74 23.21
N LEU B 186 13.51 39.90 23.59
CA LEU B 186 13.53 41.06 22.72
C LEU B 186 14.77 41.06 21.82
N TYR B 187 14.73 41.88 20.78
CA TYR B 187 15.83 42.01 19.84
C TYR B 187 16.55 43.34 20.06
N SER B 188 17.77 43.41 19.55
CA SER B 188 18.58 44.61 19.63
C SER B 188 19.58 44.62 18.49
N LEU B 189 19.68 45.76 17.81
CA LEU B 189 20.64 45.93 16.73
C LEU B 189 21.27 47.31 16.83
N SER B 190 22.44 47.46 16.22
CA SER B 190 23.19 48.70 16.21
C SER B 190 23.43 49.14 14.78
N SER B 191 23.28 50.44 14.52
CA SER B 191 23.54 51.03 13.22
C SER B 191 24.60 52.10 13.38
N VAL B 192 25.65 52.03 12.55
CA VAL B 192 26.77 52.95 12.62
C VAL B 192 27.09 53.46 11.22
N VAL B 193 27.73 54.63 11.17
CA VAL B 193 28.14 55.26 9.93
C VAL B 193 29.53 55.84 10.13
N THR B 194 30.38 55.68 9.12
CA THR B 194 31.75 56.17 9.15
C THR B 194 31.85 57.47 8.37
N VAL B 195 32.33 58.52 9.02
CA VAL B 195 32.48 59.83 8.39
C VAL B 195 33.80 60.45 8.82
N PRO B 196 34.43 61.23 7.95
CA PRO B 196 35.66 61.91 8.33
C PRO B 196 35.45 62.80 9.56
N SER B 197 36.46 62.84 10.42
CA SER B 197 36.38 63.61 11.65
C SER B 197 36.47 65.11 11.41
N SER B 198 36.85 65.55 10.21
CA SER B 198 36.97 66.97 9.92
C SER B 198 35.63 67.62 9.58
N SER B 199 34.57 66.84 9.39
CA SER B 199 33.26 67.37 9.04
C SER B 199 32.41 67.73 10.25
N LEU B 200 32.86 67.40 11.46
CA LEU B 200 32.09 67.70 12.66
C LEU B 200 32.07 69.21 12.91
N GLY B 201 31.00 69.68 13.55
CA GLY B 201 30.82 71.08 13.85
C GLY B 201 30.04 71.86 12.82
N THR B 202 29.92 71.32 11.60
CA THR B 202 29.14 71.99 10.55
C THR B 202 28.13 71.01 9.96
N GLN B 203 28.46 69.71 9.97
CA GLN B 203 27.56 68.68 9.47
C GLN B 203 26.81 68.04 10.61
N THR B 204 25.49 67.89 10.43
CA THR B 204 24.62 67.32 11.44
C THR B 204 24.16 65.94 11.00
N TYR B 205 24.25 64.97 11.90
CA TYR B 205 23.88 63.59 11.64
C TYR B 205 22.66 63.24 12.48
N ILE B 206 21.62 62.71 11.84
CA ILE B 206 20.40 62.32 12.51
C ILE B 206 20.05 60.89 12.09
N CYS B 207 19.72 60.05 13.07
CA CYS B 207 19.33 58.68 12.81
C CYS B 207 17.81 58.59 12.79
N ASN B 208 17.27 58.09 11.68
CA ASN B 208 15.83 57.90 11.50
C ASN B 208 15.55 56.41 11.48
N VAL B 209 14.88 55.91 12.52
CA VAL B 209 14.52 54.50 12.64
C VAL B 209 13.01 54.40 12.68
N ASN B 210 12.46 53.56 11.81
CA ASN B 210 11.03 53.33 11.72
C ASN B 210 10.73 51.87 12.03
N HIS B 211 9.77 51.64 12.91
CA HIS B 211 9.36 50.30 13.34
C HIS B 211 7.87 50.17 13.05
N LYS B 212 7.53 49.74 11.83
CA LYS B 212 6.14 49.67 11.41
C LYS B 212 5.35 48.60 12.16
N PRO B 213 5.97 47.50 12.63
CA PRO B 213 5.16 46.53 13.38
C PRO B 213 4.48 47.14 14.59
N SER B 214 5.14 48.05 15.28
CA SER B 214 4.55 48.80 16.39
C SER B 214 4.14 50.21 15.99
N ASN B 215 4.30 50.58 14.71
CA ASN B 215 3.96 51.92 14.23
C ASN B 215 4.66 52.99 15.06
N THR B 216 5.94 52.76 15.36
CA THR B 216 6.75 53.67 16.16
C THR B 216 7.88 54.23 15.30
N LYS B 217 8.01 55.55 15.30
CA LYS B 217 9.09 56.24 14.61
C LYS B 217 9.84 57.11 15.61
N VAL B 218 11.17 57.00 15.61
CA VAL B 218 12.02 57.73 16.53
C VAL B 218 13.17 58.34 15.76
N ASP B 219 13.48 59.60 16.05
CA ASP B 219 14.60 60.30 15.46
C ASP B 219 15.60 60.66 16.57
N LYS B 220 16.86 60.27 16.36
CA LYS B 220 17.89 60.51 17.36
C LYS B 220 19.22 60.87 16.70
N ILE C 3 20.95 8.57 10.83
CA ILE C 3 22.23 8.74 10.09
C ILE C 3 22.69 10.19 10.20
N GLN C 4 23.98 10.38 10.45
CA GLN C 4 24.57 11.70 10.60
C GLN C 4 25.49 12.00 9.43
N MET C 5 25.36 13.20 8.88
CA MET C 5 26.16 13.66 7.76
C MET C 5 26.91 14.92 8.18
N THR C 6 28.22 14.84 8.26
CA THR C 6 29.07 15.94 8.70
C THR C 6 29.86 16.47 7.51
N GLN C 7 29.70 17.76 7.21
CA GLN C 7 30.48 18.40 6.17
C GLN C 7 31.78 18.92 6.77
N SER C 8 32.91 18.43 6.27
CA SER C 8 34.20 18.78 6.87
C SER C 8 34.44 20.28 6.89
N PRO C 9 34.25 21.03 5.79
CA PRO C 9 34.45 22.48 5.84
C PRO C 9 33.21 23.20 6.37
N SER C 10 33.32 23.77 7.57
CA SER C 10 32.22 24.56 8.10
C SER C 10 32.07 25.87 7.33
N SER C 11 33.19 26.52 7.02
CA SER C 11 33.20 27.73 6.21
C SER C 11 34.40 27.68 5.28
N LEU C 12 34.19 28.09 4.04
CA LEU C 12 35.23 28.04 3.02
C LEU C 12 35.33 29.39 2.33
N SER C 13 36.56 29.76 1.96
CA SER C 13 36.84 31.01 1.27
C SER C 13 37.56 30.72 -0.04
N ALA C 14 37.18 31.45 -1.08
CA ALA C 14 37.77 31.27 -2.41
C ALA C 14 37.53 32.55 -3.20
N SER C 15 37.95 32.52 -4.46
CA SER C 15 37.82 33.66 -5.36
C SER C 15 37.28 33.19 -6.70
N VAL C 16 36.76 34.15 -7.48
CA VAL C 16 36.19 33.82 -8.78
C VAL C 16 37.26 33.18 -9.65
N GLY C 17 36.89 32.07 -10.31
CA GLY C 17 37.80 31.33 -11.15
C GLY C 17 38.56 30.23 -10.43
N ASP C 18 38.47 30.15 -9.11
CA ASP C 18 39.13 29.10 -8.35
C ASP C 18 38.29 27.84 -8.30
N ARG C 19 38.93 26.72 -7.98
CA ARG C 19 38.26 25.43 -7.89
C ARG C 19 38.00 25.11 -6.42
N VAL C 20 36.73 24.90 -6.09
CA VAL C 20 36.30 24.60 -4.72
C VAL C 20 35.71 23.20 -4.70
N THR C 21 36.07 22.43 -3.67
CA THR C 21 35.65 21.03 -3.54
C THR C 21 35.08 20.83 -2.15
N ILE C 22 33.75 20.87 -2.05
CA ILE C 22 33.07 20.61 -0.78
C ILE C 22 32.96 19.11 -0.58
N THR C 23 33.11 18.67 0.67
CA THR C 23 33.10 17.25 0.99
C THR C 23 32.18 16.99 2.17
N CYS C 24 31.67 15.76 2.24
CA CYS C 24 30.80 15.34 3.33
C CYS C 24 30.99 13.84 3.54
N ARG C 25 30.64 13.39 4.74
CA ARG C 25 30.73 11.98 5.09
C ARG C 25 29.52 11.58 5.92
N ALA C 26 29.00 10.39 5.66
CA ALA C 26 27.84 9.87 6.36
C ALA C 26 28.27 8.84 7.40
N SER C 27 27.47 8.73 8.47
CA SER C 27 27.80 7.79 9.53
C SER C 27 27.83 6.36 9.02
N GLN C 28 27.02 6.04 8.02
CA GLN C 28 26.99 4.70 7.44
C GLN C 28 26.57 4.81 5.98
N SER C 29 26.77 3.72 5.24
CA SER C 29 26.49 3.71 3.82
C SER C 29 25.04 4.09 3.55
N VAL C 30 24.84 5.00 2.60
CA VAL C 30 23.50 5.43 2.20
C VAL C 30 23.36 5.26 0.69
N SER C 31 24.16 4.38 0.11
CA SER C 31 24.16 4.19 -1.34
C SER C 31 24.40 5.52 -2.05
N SER C 32 24.00 5.63 -3.31
CA SER C 32 24.12 6.86 -4.06
C SER C 32 22.96 7.82 -3.82
N ALA C 33 22.18 7.60 -2.77
CA ALA C 33 21.02 8.43 -2.48
C ALA C 33 21.43 9.69 -1.73
N VAL C 34 22.23 10.53 -2.36
CA VAL C 34 22.71 11.77 -1.76
C VAL C 34 22.50 12.91 -2.74
N ALA C 35 21.98 14.03 -2.24
CA ALA C 35 21.70 15.21 -3.05
C ALA C 35 22.33 16.44 -2.41
N TRP C 36 22.66 17.42 -3.25
CA TRP C 36 23.27 18.66 -2.82
C TRP C 36 22.37 19.83 -3.21
N TYR C 37 22.27 20.82 -2.32
CA TYR C 37 21.42 21.98 -2.53
C TYR C 37 22.24 23.25 -2.35
N GLN C 38 21.82 24.30 -3.06
CA GLN C 38 22.42 25.61 -2.95
C GLN C 38 21.36 26.60 -2.49
N GLN C 39 21.67 27.40 -1.48
CA GLN C 39 20.73 28.34 -0.90
C GLN C 39 21.40 29.70 -0.74
N LYS C 40 20.89 30.69 -1.45
CA LYS C 40 21.32 32.07 -1.21
C LYS C 40 20.72 32.56 0.09
N PRO C 41 21.41 33.46 0.80
CA PRO C 41 20.80 34.04 2.01
C PRO C 41 19.48 34.72 1.67
N GLY C 42 18.46 34.45 2.49
CA GLY C 42 17.14 35.01 2.27
C GLY C 42 16.35 34.37 1.15
N LYS C 43 16.82 33.24 0.61
CA LYS C 43 16.15 32.55 -0.48
C LYS C 43 16.06 31.06 -0.16
N ALA C 44 15.13 30.38 -0.83
CA ALA C 44 14.94 28.97 -0.62
C ALA C 44 16.08 28.17 -1.26
N PRO C 45 16.36 26.96 -0.76
CA PRO C 45 17.42 26.15 -1.36
C PRO C 45 17.10 25.76 -2.80
N LYS C 46 18.14 25.59 -3.60
CA LYS C 46 18.03 25.17 -4.99
C LYS C 46 18.75 23.85 -5.16
N LEU C 47 18.09 22.89 -5.79
CA LEU C 47 18.68 21.57 -6.00
C LEU C 47 19.79 21.65 -7.05
N LEU C 48 20.96 21.13 -6.71
CA LEU C 48 22.09 21.08 -7.63
C LEU C 48 22.27 19.69 -8.23
N ILE C 49 22.44 18.67 -7.39
CA ILE C 49 22.77 17.32 -7.83
C ILE C 49 21.88 16.35 -7.07
N TYR C 50 21.42 15.32 -7.77
CA TYR C 50 20.72 14.21 -7.15
C TYR C 50 21.40 12.90 -7.55
N SER C 51 21.24 11.89 -6.69
CA SER C 51 21.88 10.60 -6.87
C SER C 51 23.38 10.71 -6.68
N ALA C 52 23.86 11.87 -6.22
CA ALA C 52 25.25 12.00 -5.85
C ALA C 52 26.12 12.09 -7.10
N SER C 53 25.50 12.06 -8.29
CA SER C 53 26.26 12.24 -9.52
C SER C 53 25.47 12.79 -10.69
N SER C 54 24.17 13.07 -10.55
CA SER C 54 23.34 13.54 -11.67
C SER C 54 23.03 15.02 -11.48
N LEU C 55 23.41 15.83 -12.44
CA LEU C 55 23.19 17.27 -12.36
C LEU C 55 21.73 17.60 -12.68
N TYR C 56 21.09 18.38 -11.82
CA TYR C 56 19.70 18.75 -12.04
C TYR C 56 19.58 19.65 -13.27
N SER C 57 18.48 19.47 -14.00
CA SER C 57 18.29 20.20 -15.25
C SER C 57 18.33 21.70 -15.00
N GLY C 58 19.11 22.39 -15.83
CA GLY C 58 19.25 23.84 -15.74
C GLY C 58 20.38 24.32 -14.87
N VAL C 59 21.02 23.44 -14.10
CA VAL C 59 22.12 23.82 -13.23
C VAL C 59 23.36 24.04 -14.10
N PRO C 60 24.25 24.96 -13.76
CA PRO C 60 25.47 25.11 -14.55
C PRO C 60 26.29 23.82 -14.55
N SER C 61 26.94 23.56 -15.69
CA SER C 61 27.70 22.33 -15.86
C SER C 61 28.97 22.30 -15.00
N ARG C 62 29.39 23.43 -14.46
CA ARG C 62 30.61 23.45 -13.65
C ARG C 62 30.45 22.59 -12.40
N PHE C 63 29.27 22.62 -11.77
CA PHE C 63 29.03 21.80 -10.61
C PHE C 63 29.12 20.32 -10.97
N SER C 64 29.74 19.55 -10.08
CA SER C 64 29.91 18.11 -10.29
C SER C 64 29.89 17.41 -8.95
N GLY C 65 29.27 16.23 -8.91
CA GLY C 65 29.17 15.44 -7.71
C GLY C 65 29.98 14.15 -7.83
N SER C 66 30.46 13.66 -6.70
CA SER C 66 31.25 12.44 -6.67
C SER C 66 30.95 11.69 -5.38
N ARG C 67 31.24 10.39 -5.39
CA ARG C 67 31.05 9.54 -4.22
C ARG C 67 32.30 8.70 -3.98
N SER C 68 32.64 8.53 -2.71
CA SER C 68 33.72 7.61 -2.30
C SER C 68 33.22 6.91 -1.03
N GLY C 69 32.65 5.73 -1.20
CA GLY C 69 32.11 5.00 -0.06
C GLY C 69 31.07 5.84 0.65
N THR C 70 31.21 5.95 1.97
CA THR C 70 30.34 6.81 2.76
C THR C 70 30.64 8.29 2.57
N ASP C 71 31.74 8.63 1.91
CA ASP C 71 32.14 10.02 1.71
C ASP C 71 31.64 10.51 0.36
N PHE C 72 31.06 11.71 0.35
CA PHE C 72 30.53 12.34 -0.85
C PHE C 72 31.17 13.71 -1.02
N THR C 73 31.50 14.05 -2.26
CA THR C 73 32.24 15.27 -2.56
C THR C 73 31.49 16.07 -3.62
N LEU C 74 31.41 17.38 -3.41
CA LEU C 74 30.83 18.31 -4.37
C LEU C 74 31.93 19.25 -4.85
N THR C 75 32.13 19.31 -6.18
CA THR C 75 33.13 20.17 -6.79
C THR C 75 32.43 21.23 -7.63
N ILE C 76 32.75 22.50 -7.38
CA ILE C 76 32.16 23.60 -8.13
C ILE C 76 32.98 23.96 -9.37
N SER C 77 34.20 23.46 -9.48
CA SER C 77 35.05 23.77 -10.64
C SER C 77 35.29 25.28 -10.65
N SER C 78 35.42 25.88 -11.84
CA SER C 78 35.67 27.30 -11.96
C SER C 78 34.56 28.10 -11.28
N LEU C 79 34.91 28.82 -10.21
CA LEU C 79 33.92 29.59 -9.47
C LEU C 79 33.42 30.77 -10.29
N GLN C 80 32.23 31.22 -9.95
CA GLN C 80 31.58 32.37 -10.56
C GLN C 80 31.00 33.25 -9.46
N PRO C 81 30.69 34.50 -9.76
CA PRO C 81 30.12 35.38 -8.72
C PRO C 81 28.85 34.83 -8.10
N GLU C 82 28.09 34.03 -8.85
CA GLU C 82 26.85 33.45 -8.33
C GLU C 82 27.08 32.21 -7.49
N ASP C 83 28.31 31.70 -7.42
CA ASP C 83 28.61 30.47 -6.71
C ASP C 83 28.89 30.68 -5.22
N PHE C 84 28.89 31.93 -4.75
CA PHE C 84 29.14 32.22 -3.34
C PHE C 84 27.83 32.10 -2.58
N ALA C 85 27.64 30.98 -1.89
CA ALA C 85 26.41 30.72 -1.14
C ALA C 85 26.68 29.58 -0.16
N THR C 86 25.62 29.08 0.45
CA THR C 86 25.71 27.97 1.39
C THR C 86 25.21 26.70 0.71
N TYR C 87 25.99 25.62 0.82
CA TYR C 87 25.67 24.36 0.18
C TYR C 87 25.38 23.30 1.24
N TYR C 88 24.22 22.66 1.11
CA TYR C 88 23.79 21.63 2.04
C TYR C 88 23.68 20.29 1.31
N CYS C 89 24.09 19.23 2.00
CA CYS C 89 23.92 17.87 1.50
C CYS C 89 22.68 17.24 2.12
N GLN C 90 22.31 16.07 1.60
CA GLN C 90 21.11 15.38 2.05
C GLN C 90 21.19 13.93 1.61
N GLN C 91 20.74 13.03 2.48
CA GLN C 91 20.58 11.62 2.15
C GLN C 91 19.11 11.26 2.28
N TYR C 92 18.58 10.59 1.25
CA TYR C 92 17.16 10.25 1.20
C TYR C 92 16.93 8.76 1.01
N LYS C 93 17.86 7.93 1.46
CA LYS C 93 17.64 6.48 1.40
C LYS C 93 16.66 6.04 2.49
N TYR C 94 16.58 6.78 3.59
CA TYR C 94 15.73 6.45 4.71
C TYR C 94 14.78 7.60 5.02
N VAL C 95 13.62 7.26 5.56
CA VAL C 95 12.58 8.23 5.90
C VAL C 95 13.17 9.34 6.77
N PRO C 96 13.93 9.02 7.82
CA PRO C 96 14.55 10.10 8.61
C PRO C 96 15.64 10.80 7.83
N VAL C 97 15.23 11.61 6.84
CA VAL C 97 16.19 12.33 6.02
C VAL C 97 17.01 13.27 6.88
N THR C 98 18.33 13.24 6.69
CA THR C 98 19.26 14.05 7.47
C THR C 98 19.99 15.01 6.53
N PHE C 99 19.95 16.29 6.89
CA PHE C 99 20.70 17.32 6.17
C PHE C 99 22.04 17.56 6.85
N GLY C 100 22.99 18.08 6.08
CA GLY C 100 24.30 18.39 6.62
C GLY C 100 24.31 19.70 7.38
N GLN C 101 25.44 19.95 8.04
CA GLN C 101 25.60 21.19 8.79
C GLN C 101 25.64 22.42 7.87
N GLY C 102 26.05 22.24 6.62
CA GLY C 102 26.14 23.35 5.69
C GLY C 102 27.53 23.96 5.64
N THR C 103 27.91 24.38 4.44
CA THR C 103 29.22 24.98 4.20
C THR C 103 29.03 26.28 3.44
N LYS C 104 29.60 27.36 3.98
CA LYS C 104 29.47 28.68 3.33
C LYS C 104 30.70 28.94 2.48
N VAL C 105 30.51 29.55 1.33
CA VAL C 105 31.59 29.92 0.42
C VAL C 105 31.80 31.43 0.56
N GLU C 106 33.01 31.82 0.90
CA GLU C 106 33.34 33.20 1.23
C GLU C 106 34.21 33.81 0.12
N ILE C 107 33.97 35.09 -0.16
CA ILE C 107 34.80 35.82 -1.11
C ILE C 107 36.11 36.17 -0.43
N LYS C 108 37.23 35.79 -1.07
CA LYS C 108 38.55 35.95 -0.48
C LYS C 108 39.27 37.11 -1.15
N ARG C 109 39.87 37.98 -0.33
CA ARG C 109 40.63 39.12 -0.82
C ARG C 109 41.75 39.41 0.17
N THR C 110 42.40 40.55 0.00
CA THR C 110 43.51 40.93 0.88
C THR C 110 43.01 41.19 2.29
N VAL C 111 43.87 40.89 3.27
CA VAL C 111 43.52 41.10 4.67
C VAL C 111 43.59 42.57 5.00
N ALA C 112 42.57 43.07 5.70
CA ALA C 112 42.49 44.46 6.12
C ALA C 112 42.25 44.52 7.62
N ALA C 113 43.01 45.39 8.30
CA ALA C 113 42.87 45.53 9.74
C ALA C 113 41.62 46.32 10.10
N PRO C 114 41.00 46.05 11.24
CA PRO C 114 39.81 46.80 11.64
C PRO C 114 40.17 48.12 12.32
N SER C 115 39.15 48.96 12.47
CA SER C 115 39.24 50.21 13.21
C SER C 115 38.39 50.07 14.46
N VAL C 116 39.03 50.00 15.61
CA VAL C 116 38.33 49.73 16.87
C VAL C 116 37.71 51.02 17.38
N PHE C 117 36.41 50.98 17.65
CA PHE C 117 35.67 52.08 18.25
C PHE C 117 34.82 51.57 19.40
N ILE C 118 34.87 52.28 20.52
CA ILE C 118 34.10 51.93 21.71
C ILE C 118 33.30 53.16 22.13
N PHE C 119 31.99 52.98 22.31
CA PHE C 119 31.10 54.08 22.63
C PHE C 119 30.58 53.93 24.06
N PRO C 120 30.92 54.82 24.99
CA PRO C 120 30.37 54.72 26.33
C PRO C 120 28.87 54.88 26.31
N PRO C 121 28.17 54.29 27.28
CA PRO C 121 26.71 54.43 27.30
C PRO C 121 26.29 55.89 27.39
N SER C 122 25.18 56.20 26.72
CA SER C 122 24.68 57.57 26.68
C SER C 122 23.98 57.92 28.00
N ASP C 123 23.72 59.22 28.18
CA ASP C 123 23.04 59.68 29.38
C ASP C 123 21.64 59.09 29.47
N SER C 124 20.93 59.02 28.35
CA SER C 124 19.60 58.41 28.35
C SER C 124 19.68 56.94 28.71
N GLN C 125 20.74 56.25 28.28
CA GLN C 125 20.92 54.85 28.64
C GLN C 125 21.01 54.69 30.14
N LEU C 126 21.81 55.54 30.80
CA LEU C 126 21.91 55.49 32.25
C LEU C 126 20.58 55.85 32.90
N LYS C 127 19.88 56.85 32.37
CA LYS C 127 18.60 57.25 32.94
C LYS C 127 17.59 56.10 32.87
N SER C 128 17.67 55.26 31.83
CA SER C 128 16.77 54.13 31.71
C SER C 128 17.05 53.03 32.72
N GLY C 129 18.16 53.12 33.46
CA GLY C 129 18.51 52.12 34.45
C GLY C 129 19.31 50.95 33.92
N THR C 130 19.87 51.06 32.71
CA THR C 130 20.66 49.99 32.12
C THR C 130 21.90 50.60 31.48
N ALA C 131 22.94 49.78 31.35
CA ALA C 131 24.19 50.19 30.73
C ALA C 131 24.52 49.23 29.59
N SER C 132 24.85 49.79 28.43
CA SER C 132 25.16 49.00 27.24
C SER C 132 26.27 49.72 26.47
N VAL C 133 27.50 49.22 26.59
CA VAL C 133 28.64 49.74 25.87
C VAL C 133 28.91 48.83 24.67
N VAL C 134 29.10 49.44 23.50
CA VAL C 134 29.22 48.70 22.25
C VAL C 134 30.63 48.88 21.70
N CYS C 135 31.25 47.77 21.31
CA CYS C 135 32.58 47.76 20.70
C CYS C 135 32.43 47.50 19.21
N LEU C 136 33.04 48.36 18.39
CA LEU C 136 32.90 48.31 16.95
C LEU C 136 34.26 48.10 16.29
N LEU C 137 34.29 47.24 15.28
CA LEU C 137 35.52 46.95 14.53
C LEU C 137 35.48 47.44 13.09
N ASN C 138 34.32 47.89 12.60
CA ASN C 138 34.20 48.39 11.23
C ASN C 138 34.64 47.29 10.26
N ASN C 139 35.19 47.68 9.10
CA ASN C 139 35.47 46.72 8.04
C ASN C 139 36.76 45.95 8.32
N PHE C 140 36.69 44.64 8.16
CA PHE C 140 37.87 43.77 8.24
C PHE C 140 37.55 42.41 7.65
N TYR C 141 38.35 41.95 6.69
CA TYR C 141 38.00 40.74 5.95
C TYR C 141 37.88 39.51 6.84
N PRO C 142 38.84 39.17 7.69
CA PRO C 142 38.71 37.95 8.50
C PRO C 142 37.47 37.97 9.37
N ARG C 143 36.83 36.81 9.48
CA ARG C 143 35.66 36.64 10.34
C ARG C 143 36.01 36.00 11.67
N GLU C 144 37.27 35.67 11.91
CA GLU C 144 37.69 34.99 13.13
C GLU C 144 38.05 35.95 14.25
N ALA C 145 37.88 37.26 14.04
CA ALA C 145 38.20 38.22 15.09
C ALA C 145 37.31 38.00 16.29
N LYS C 146 37.90 38.14 17.48
CA LYS C 146 37.18 37.97 18.74
C LYS C 146 37.40 39.18 19.62
N VAL C 147 36.41 39.50 20.44
CA VAL C 147 36.43 40.67 21.30
C VAL C 147 36.35 40.21 22.75
N GLN C 148 37.28 40.70 23.58
CA GLN C 148 37.31 40.39 25.00
C GLN C 148 37.12 41.69 25.78
N TRP C 149 36.23 41.65 26.77
CA TRP C 149 35.90 42.82 27.57
C TRP C 149 36.66 42.79 28.88
N LYS C 150 37.27 43.92 29.24
CA LYS C 150 38.00 44.08 30.49
C LYS C 150 37.20 45.01 31.39
N VAL C 151 36.89 44.55 32.60
CA VAL C 151 36.11 45.32 33.56
C VAL C 151 36.76 45.19 34.93
N ASP C 152 36.75 46.28 35.69
CA ASP C 152 37.33 46.28 37.02
C ASP C 152 36.67 45.23 37.90
N SER C 157 32.33 40.01 31.17
CA SER C 157 32.62 38.64 30.76
C SER C 157 31.38 37.77 30.85
N GLY C 158 31.18 36.92 29.86
CA GLY C 158 30.03 36.03 29.84
C GLY C 158 28.78 36.68 29.29
N ASN C 159 28.32 37.75 29.95
CA ASN C 159 27.12 38.47 29.55
C ASN C 159 27.49 39.48 28.45
N SER C 160 27.68 38.96 27.25
CA SER C 160 28.04 39.78 26.10
C SER C 160 27.31 39.27 24.87
N GLN C 161 27.14 40.19 23.90
CA GLN C 161 26.44 39.84 22.64
C GLN C 161 27.32 40.25 21.45
N GLU C 162 27.24 39.51 20.35
CA GLU C 162 28.06 39.74 19.17
C GLU C 162 27.23 39.51 17.92
N SER C 163 27.47 40.32 16.89
CA SER C 163 26.81 40.17 15.61
C SER C 163 27.74 40.68 14.53
N VAL C 164 27.83 39.93 13.43
CA VAL C 164 28.77 40.22 12.35
C VAL C 164 27.98 40.40 11.06
N THR C 165 28.22 41.51 10.37
CA THR C 165 27.60 41.75 9.07
C THR C 165 28.26 40.88 8.00
N GLU C 166 27.46 40.46 7.03
CA GLU C 166 27.97 39.62 5.95
C GLU C 166 28.99 40.39 5.11
N GLN C 167 29.57 39.70 4.14
CA GLN C 167 30.58 40.31 3.29
C GLN C 167 30.00 41.50 2.53
N ASP C 168 30.81 42.54 2.35
CA ASP C 168 30.38 43.73 1.65
C ASP C 168 30.21 43.43 0.16
N SER C 169 29.67 44.42 -0.56
CA SER C 169 29.39 44.25 -1.99
C SER C 169 30.66 44.32 -2.82
N LYS C 170 31.34 45.47 -2.78
CA LYS C 170 32.55 45.66 -3.58
C LYS C 170 33.80 45.26 -2.81
N ASP C 171 34.06 45.93 -1.69
CA ASP C 171 35.20 45.60 -0.83
C ASP C 171 34.70 44.65 0.26
N SER C 172 34.57 43.38 -0.13
CA SER C 172 33.99 42.37 0.77
C SER C 172 34.81 42.24 2.04
N THR C 173 34.24 42.70 3.16
CA THR C 173 34.89 42.60 4.46
C THR C 173 33.83 42.50 5.53
N TYR C 174 34.04 41.60 6.49
CA TYR C 174 33.11 41.43 7.60
C TYR C 174 33.24 42.58 8.59
N SER C 175 32.10 42.96 9.16
CA SER C 175 32.04 43.99 10.20
C SER C 175 31.42 43.38 11.45
N LEU C 176 32.12 43.49 12.58
CA LEU C 176 31.72 42.87 13.82
C LEU C 176 31.44 43.94 14.87
N SER C 177 30.37 43.74 15.63
CA SER C 177 30.01 44.62 16.74
C SER C 177 29.68 43.77 17.96
N SER C 178 30.20 44.19 19.12
CA SER C 178 29.97 43.49 20.37
C SER C 178 29.50 44.48 21.43
N THR C 179 28.64 44.01 22.32
CA THR C 179 28.05 44.85 23.35
C THR C 179 28.15 44.16 24.70
N LEU C 180 28.41 44.96 25.74
CA LEU C 180 28.43 44.48 27.12
C LEU C 180 27.27 45.12 27.88
N THR C 181 26.44 44.29 28.49
CA THR C 181 25.24 44.73 29.18
C THR C 181 25.44 44.64 30.68
N LEU C 182 25.17 45.73 31.39
CA LEU C 182 25.26 45.79 32.84
C LEU C 182 24.15 46.67 33.38
N SER C 183 23.78 46.42 34.63
CA SER C 183 22.76 47.23 35.29
C SER C 183 23.36 48.57 35.72
N LYS C 184 22.48 49.48 36.13
CA LYS C 184 22.93 50.80 36.55
C LYS C 184 23.89 50.70 37.74
N ALA C 185 23.52 49.88 38.73
CA ALA C 185 24.41 49.68 39.87
C ALA C 185 25.72 49.02 39.44
N ASP C 186 25.63 48.01 38.57
CA ASP C 186 26.85 47.35 38.10
C ASP C 186 27.74 48.31 37.32
N TYR C 187 27.13 49.15 36.49
CA TYR C 187 27.92 50.13 35.74
C TYR C 187 28.57 51.14 36.68
N GLU C 188 27.83 51.59 37.70
CA GLU C 188 28.36 52.60 38.61
C GLU C 188 29.50 52.04 39.46
N LYS C 189 29.36 50.81 39.96
CA LYS C 189 30.38 50.26 40.83
C LYS C 189 31.71 50.07 40.11
N HIS C 190 31.69 49.96 38.78
CA HIS C 190 32.91 49.90 37.99
C HIS C 190 33.21 51.28 37.40
N LYS C 191 34.49 51.49 37.06
CA LYS C 191 34.95 52.77 36.57
C LYS C 191 35.75 52.70 35.27
N VAL C 192 36.31 51.55 34.92
CA VAL C 192 37.14 51.39 33.73
C VAL C 192 36.57 50.26 32.89
N TYR C 193 36.42 50.51 31.59
CA TYR C 193 35.93 49.50 30.65
C TYR C 193 36.83 49.51 29.42
N ALA C 194 36.86 48.37 28.73
CA ALA C 194 37.70 48.24 27.55
C ALA C 194 37.35 46.94 26.84
N CYS C 195 37.46 46.96 25.51
CA CYS C 195 37.30 45.77 24.69
C CYS C 195 38.59 45.53 23.91
N GLU C 196 39.11 44.31 23.99
CA GLU C 196 40.34 43.93 23.32
C GLU C 196 40.01 43.04 22.12
N VAL C 197 40.61 43.35 20.98
CA VAL C 197 40.36 42.65 19.72
C VAL C 197 41.56 41.77 19.41
N THR C 198 41.30 40.52 19.05
CA THR C 198 42.34 39.55 18.69
C THR C 198 42.33 39.27 17.20
N HIS C 199 42.12 40.31 16.40
CA HIS C 199 42.02 40.14 14.95
C HIS C 199 43.27 39.47 14.41
N GLN C 200 43.07 38.53 13.49
CA GLN C 200 44.19 37.77 12.96
C GLN C 200 45.17 38.66 12.21
N GLY C 201 44.66 39.61 11.43
CA GLY C 201 45.52 40.50 10.67
C GLY C 201 46.45 41.34 11.52
N LEU C 202 46.01 41.72 12.72
CA LEU C 202 46.83 42.54 13.60
C LEU C 202 48.02 41.73 14.10
N SER C 203 49.20 42.36 14.08
CA SER C 203 50.40 41.68 14.58
C SER C 203 50.27 41.40 16.07
N SER C 204 49.76 42.36 16.83
CA SER C 204 49.56 42.23 18.26
C SER C 204 48.17 42.69 18.63
N PRO C 205 47.60 42.17 19.72
CA PRO C 205 46.26 42.59 20.11
C PRO C 205 46.21 44.08 20.42
N VAL C 206 45.09 44.71 20.08
CA VAL C 206 44.87 46.13 20.30
C VAL C 206 43.73 46.29 21.29
N THR C 207 43.98 47.05 22.35
CA THR C 207 43.01 47.28 23.41
C THR C 207 42.72 48.77 23.52
N LYS C 208 41.43 49.12 23.52
CA LYS C 208 40.98 50.50 23.67
C LYS C 208 40.14 50.60 24.92
N SER C 209 40.43 51.59 25.75
CA SER C 209 39.81 51.72 27.06
C SER C 209 39.31 53.14 27.27
N PHE C 210 38.31 53.27 28.14
CA PHE C 210 37.79 54.56 28.55
C PHE C 210 37.40 54.49 30.02
N ASN C 211 37.32 55.66 30.65
CA ASN C 211 37.01 55.77 32.07
C ASN C 211 35.64 56.41 32.26
N ARG C 212 34.94 55.95 33.30
CA ARG C 212 33.60 56.45 33.61
C ARG C 212 33.75 57.82 34.26
N GLY C 213 33.81 58.85 33.42
CA GLY C 213 33.96 60.21 33.91
C GLY C 213 34.46 61.16 32.84
N ALA D 1 -28.62 -46.77 0.48
CA ALA D 1 -28.94 -45.48 -0.17
C ALA D 1 -28.85 -44.34 0.83
N VAL D 2 -29.36 -43.17 0.47
CA VAL D 2 -29.34 -42.02 1.36
C VAL D 2 -30.04 -42.38 2.66
N ALA D 3 -29.40 -42.05 3.78
CA ALA D 3 -29.92 -42.49 5.08
C ALA D 3 -31.24 -41.83 5.43
N GLU D 4 -31.39 -40.54 5.11
CA GLU D 4 -32.55 -39.79 5.59
C GLU D 4 -33.86 -40.31 4.96
N ILE D 5 -33.87 -40.47 3.64
CA ILE D 5 -35.09 -40.91 2.97
C ILE D 5 -35.43 -42.34 3.38
N GLN D 6 -34.43 -43.20 3.47
CA GLN D 6 -34.67 -44.57 3.90
C GLN D 6 -35.23 -44.59 5.32
N LEU D 7 -34.69 -43.76 6.21
CA LEU D 7 -35.20 -43.71 7.57
C LEU D 7 -36.64 -43.22 7.60
N MET D 8 -36.97 -42.22 6.78
CA MET D 8 -38.34 -41.72 6.73
C MET D 8 -39.29 -42.82 6.24
N HIS D 9 -38.90 -43.53 5.18
CA HIS D 9 -39.74 -44.60 4.66
C HIS D 9 -39.93 -45.70 5.71
N GLN D 10 -38.84 -46.08 6.39
CA GLN D 10 -38.95 -47.12 7.42
C GLN D 10 -39.83 -46.67 8.56
N ARG D 11 -39.72 -45.39 8.97
CA ARG D 11 -40.59 -44.88 10.02
C ARG D 11 -42.05 -44.95 9.61
N ALA D 12 -42.35 -44.55 8.37
CA ALA D 12 -43.74 -44.60 7.91
C ALA D 12 -44.26 -46.04 7.89
N LYS D 13 -43.46 -46.96 7.36
CA LYS D 13 -43.88 -48.36 7.31
C LYS D 13 -44.08 -48.91 8.71
N TRP D 14 -43.19 -48.56 9.65
CA TRP D 14 -43.33 -49.02 11.01
C TRP D 14 -44.60 -48.46 11.65
N ILE D 15 -44.92 -47.20 11.37
CA ILE D 15 -46.13 -46.60 11.91
C ILE D 15 -47.36 -47.36 11.42
N GLN D 16 -47.41 -47.63 10.12
CA GLN D 16 -48.56 -48.37 9.58
C GLN D 16 -48.64 -49.77 10.17
N ASP D 17 -47.50 -50.46 10.25
CA ASP D 17 -47.48 -51.82 10.79
C ASP D 17 -47.94 -51.82 12.25
N ALA D 18 -47.45 -50.86 13.04
CA ALA D 18 -47.84 -50.79 14.45
C ALA D 18 -49.32 -50.51 14.60
N ARG D 19 -49.87 -49.61 13.78
CA ARG D 19 -51.29 -49.30 13.88
C ARG D 19 -52.13 -50.54 13.56
N ARG D 20 -51.79 -51.24 12.47
CA ARG D 20 -52.59 -52.42 12.12
C ARG D 20 -52.40 -53.54 13.13
N ARG D 21 -51.20 -53.68 13.69
CA ARG D 21 -50.98 -54.69 14.73
C ARG D 21 -51.80 -54.37 15.98
N ALA D 22 -51.86 -53.10 16.37
CA ALA D 22 -52.68 -52.72 17.51
C ALA D 22 -54.15 -53.01 17.24
N PHE D 23 -54.62 -52.70 16.04
CA PHE D 23 -56.01 -53.00 15.68
C PHE D 23 -56.28 -54.50 15.79
N LEU D 24 -55.38 -55.32 15.22
CA LEU D 24 -55.57 -56.76 15.28
C LEU D 24 -55.54 -57.28 16.71
N HIS D 25 -54.63 -56.75 17.54
CA HIS D 25 -54.54 -57.18 18.92
C HIS D 25 -55.81 -56.84 19.68
N LYS D 26 -56.35 -55.63 19.47
CA LYS D 26 -57.60 -55.26 20.12
C LYS D 26 -58.74 -56.17 19.68
N LEU D 27 -58.81 -56.48 18.38
CA LEU D 27 -59.85 -57.38 17.90
C LEU D 27 -59.70 -58.76 18.52
N ILE D 28 -58.47 -59.27 18.63
CA ILE D 28 -58.26 -60.58 19.23
C ILE D 28 -58.68 -60.57 20.69
N ALA D 29 -58.31 -59.51 21.42
CA ALA D 29 -58.71 -59.42 22.82
C ALA D 29 -60.22 -59.39 22.96
N GLU D 30 -60.90 -58.63 22.10
CA GLU D 30 -62.36 -58.62 22.14
C GLU D 30 -62.94 -59.99 21.82
N ILE D 31 -62.36 -60.69 20.85
CA ILE D 31 -62.86 -62.01 20.48
C ILE D 31 -62.72 -62.97 21.66
N HIS D 32 -61.58 -62.93 22.35
CA HIS D 32 -61.42 -63.77 23.54
C HIS D 32 -62.51 -63.50 24.56
N THR D 33 -62.96 -62.24 24.66
CA THR D 33 -64.07 -61.88 25.54
C THR D 33 -63.70 -62.13 27.01
N VAL E 5 -46.43 -52.08 1.74
CA VAL E 5 -46.81 -52.49 3.12
C VAL E 5 -48.32 -52.46 3.27
N MET E 6 -48.87 -53.43 3.99
CA MET E 6 -50.31 -53.52 4.20
C MET E 6 -50.72 -52.53 5.29
N THR E 7 -51.69 -51.69 4.97
CA THR E 7 -52.22 -50.74 5.94
C THR E 7 -53.40 -51.35 6.70
N LYS E 8 -53.91 -50.59 7.67
CA LYS E 8 -55.09 -51.04 8.41
C LYS E 8 -56.25 -51.34 7.47
N GLU E 9 -56.38 -50.54 6.41
CA GLU E 9 -57.46 -50.77 5.45
C GLU E 9 -57.30 -52.11 4.73
N GLU E 10 -56.06 -52.55 4.50
CA GLU E 10 -55.86 -53.84 3.85
C GLU E 10 -56.41 -54.97 4.70
N GLN E 11 -56.06 -54.98 6.00
CA GLN E 11 -56.58 -56.01 6.89
C GLN E 11 -58.09 -55.91 7.03
N ILE E 12 -58.61 -54.68 7.09
CA ILE E 12 -60.06 -54.51 7.20
C ILE E 12 -60.75 -55.10 5.98
N PHE E 13 -60.21 -54.84 4.79
CA PHE E 13 -60.78 -55.39 3.56
C PHE E 13 -60.69 -56.90 3.53
N LEU E 14 -59.55 -57.46 3.95
CA LEU E 14 -59.42 -58.92 3.97
C LEU E 14 -60.44 -59.55 4.90
N LEU E 15 -60.64 -58.96 6.08
CA LEU E 15 -61.67 -59.46 6.98
C LEU E 15 -63.06 -59.27 6.38
N HIS E 16 -63.30 -58.18 5.66
CA HIS E 16 -64.59 -57.94 5.04
C HIS E 16 -64.90 -58.99 3.98
N ARG E 17 -63.87 -59.48 3.28
CA ARG E 17 -64.11 -60.52 2.27
C ARG E 17 -64.80 -61.73 2.88
N ALA E 18 -64.53 -62.01 4.15
CA ALA E 18 -65.18 -63.12 4.85
C ALA E 18 -66.33 -62.62 5.72
N CYS E 105 -55.71 -71.10 13.19
CA CYS E 105 -55.82 -69.70 12.82
C CYS E 105 -56.04 -69.56 11.32
N PRO E 106 -56.72 -68.49 10.90
CA PRO E 106 -57.00 -68.31 9.47
C PRO E 106 -55.71 -68.11 8.67
N ASP E 107 -55.74 -68.57 7.42
CA ASP E 107 -54.60 -68.47 6.53
C ASP E 107 -54.60 -67.20 5.70
N TYR E 108 -55.65 -66.37 5.79
CA TYR E 108 -55.74 -65.14 5.01
C TYR E 108 -55.16 -63.94 5.76
N ILE E 109 -54.70 -64.11 6.99
CA ILE E 109 -54.12 -63.01 7.74
C ILE E 109 -52.63 -62.93 7.44
N TYR E 110 -52.14 -61.70 7.28
CA TYR E 110 -50.71 -61.51 7.02
C TYR E 110 -49.87 -62.01 8.18
N ASP E 111 -50.30 -61.76 9.41
CA ASP E 111 -49.57 -62.19 10.61
C ASP E 111 -49.95 -63.64 10.95
N PHE E 112 -49.57 -64.54 10.06
CA PHE E 112 -49.87 -65.96 10.23
C PHE E 112 -48.93 -66.58 11.27
N ASN E 140 -56.00 -71.94 24.72
CA ASN E 140 -56.94 -71.10 23.99
C ASN E 140 -56.69 -71.21 22.49
N TYR E 141 -57.73 -70.93 21.70
CA TYR E 141 -57.63 -70.97 20.26
C TYR E 141 -57.04 -69.66 19.72
N SER E 142 -56.91 -69.57 18.41
CA SER E 142 -56.35 -68.40 17.74
C SER E 142 -54.90 -68.18 18.19
N GLU E 143 -54.08 -69.21 18.00
CA GLU E 143 -52.66 -69.17 18.37
C GLU E 143 -51.84 -68.55 17.24
N CYS E 144 -52.13 -67.29 16.95
CA CYS E 144 -51.45 -66.54 15.90
C CYS E 144 -50.61 -65.40 16.44
N VAL E 145 -50.30 -65.41 17.74
CA VAL E 145 -49.53 -64.31 18.33
C VAL E 145 -48.09 -64.36 17.82
N LYS E 146 -47.55 -63.19 17.50
CA LYS E 146 -46.19 -63.05 17.01
C LYS E 146 -45.32 -62.39 18.08
N PHE E 147 -44.06 -62.13 17.71
CA PHE E 147 -43.08 -61.56 18.65
C PHE E 147 -43.17 -60.03 18.64
N LEU E 148 -44.35 -59.53 19.01
CA LEU E 148 -44.59 -58.09 19.00
C LEU E 148 -43.79 -57.36 20.09
N THR E 149 -43.40 -58.07 21.16
CA THR E 149 -42.68 -57.41 22.24
C THR E 149 -41.36 -56.82 21.74
N ASN E 150 -40.61 -57.59 20.94
CA ASN E 150 -39.38 -57.06 20.36
C ASN E 150 -39.69 -55.98 19.33
N GLU E 151 -40.78 -56.13 18.58
CA GLU E 151 -41.13 -55.12 17.58
C GLU E 151 -41.44 -53.78 18.22
N THR E 152 -41.91 -53.78 19.47
CA THR E 152 -42.23 -52.53 20.17
C THR E 152 -41.00 -51.79 20.70
N ARG E 153 -39.77 -52.13 20.28
CA ARG E 153 -38.57 -51.44 20.72
C ARG E 153 -37.90 -50.66 19.60
N GLU E 154 -38.26 -50.92 18.34
CA GLU E 154 -37.77 -50.08 17.25
C GLU E 154 -38.22 -48.63 17.42
N ARG E 155 -39.30 -48.41 18.16
CA ARG E 155 -39.70 -47.04 18.49
C ARG E 155 -38.61 -46.34 19.27
N GLU E 156 -38.10 -46.99 20.33
CA GLU E 156 -37.00 -46.41 21.08
C GLU E 156 -35.73 -46.31 20.24
N VAL E 157 -35.52 -47.30 19.35
CA VAL E 157 -34.33 -47.26 18.49
C VAL E 157 -34.33 -45.98 17.64
N PHE E 158 -35.36 -45.80 16.83
CA PHE E 158 -35.34 -44.61 15.98
C PHE E 158 -35.66 -43.35 16.76
N ASP E 159 -36.11 -43.44 18.02
CA ASP E 159 -36.16 -42.26 18.87
C ASP E 159 -34.76 -41.84 19.30
N ARG E 160 -33.88 -42.81 19.59
CA ARG E 160 -32.48 -42.48 19.81
C ARG E 160 -31.88 -41.83 18.58
N LEU E 161 -32.16 -42.40 17.40
CA LEU E 161 -31.72 -41.77 16.16
C LEU E 161 -32.24 -40.35 16.04
N GLY E 162 -33.52 -40.15 16.38
CA GLY E 162 -34.09 -38.82 16.34
C GLY E 162 -33.36 -37.85 17.24
N MET E 163 -33.08 -38.27 18.47
CA MET E 163 -32.40 -37.41 19.42
C MET E 163 -31.01 -37.02 18.91
N ILE E 164 -30.26 -38.00 18.42
CA ILE E 164 -28.89 -37.71 18.00
C ILE E 164 -28.90 -36.76 16.80
N TYR E 165 -29.75 -37.03 15.80
CA TYR E 165 -29.75 -36.14 14.65
C TYR E 165 -30.30 -34.78 15.01
N THR E 166 -31.25 -34.70 15.94
CA THR E 166 -31.78 -33.40 16.35
C THR E 166 -30.70 -32.55 17.00
N VAL E 167 -29.96 -33.13 17.95
CA VAL E 167 -28.90 -32.35 18.61
C VAL E 167 -27.83 -31.96 17.60
N GLY E 168 -27.44 -32.89 16.73
CA GLY E 168 -26.42 -32.57 15.74
C GLY E 168 -26.84 -31.45 14.81
N TYR E 169 -28.07 -31.53 14.31
CA TYR E 169 -28.54 -30.50 13.38
C TYR E 169 -28.77 -29.17 14.08
N SER E 170 -29.16 -29.18 15.35
CA SER E 170 -29.28 -27.92 16.09
C SER E 170 -27.94 -27.24 16.23
N VAL E 171 -26.91 -28.00 16.63
CA VAL E 171 -25.57 -27.44 16.74
C VAL E 171 -25.10 -26.93 15.38
N SER E 172 -25.33 -27.71 14.33
CA SER E 172 -24.93 -27.30 12.99
C SER E 172 -25.64 -26.03 12.56
N LEU E 173 -26.94 -25.93 12.84
CA LEU E 173 -27.69 -24.73 12.47
C LEU E 173 -27.15 -23.50 13.18
N ALA E 174 -26.89 -23.62 14.49
CA ALA E 174 -26.35 -22.48 15.21
C ALA E 174 -25.00 -22.06 14.64
N SER E 175 -24.09 -23.03 14.43
CA SER E 175 -22.76 -22.70 13.92
C SER E 175 -22.85 -22.09 12.54
N LEU E 176 -23.72 -22.62 11.68
CA LEU E 176 -23.84 -22.10 10.32
C LEU E 176 -24.46 -20.72 10.30
N THR E 177 -25.43 -20.46 11.16
CA THR E 177 -25.97 -19.11 11.26
C THR E 177 -24.88 -18.12 11.67
N VAL E 178 -24.08 -18.48 12.66
CA VAL E 178 -23.00 -17.60 13.09
C VAL E 178 -22.02 -17.38 11.94
N ALA E 179 -21.65 -18.46 11.24
CA ALA E 179 -20.69 -18.34 10.15
C ALA E 179 -21.22 -17.47 9.02
N VAL E 180 -22.49 -17.65 8.66
CA VAL E 180 -23.07 -16.86 7.58
C VAL E 180 -23.13 -15.40 7.98
N LEU E 181 -23.51 -15.10 9.22
CA LEU E 181 -23.52 -13.72 9.68
C LEU E 181 -22.12 -13.12 9.60
N ILE E 182 -21.11 -13.86 10.05
CA ILE E 182 -19.74 -13.34 10.02
C ILE E 182 -19.31 -13.07 8.59
N LEU E 183 -19.57 -14.01 7.68
CA LEU E 183 -19.16 -13.83 6.29
C LEU E 183 -19.88 -12.66 5.64
N ALA E 184 -21.19 -12.51 5.90
CA ALA E 184 -21.96 -11.48 5.22
C ALA E 184 -21.61 -10.09 5.74
N TYR E 185 -21.50 -9.94 7.06
CA TYR E 185 -21.27 -8.61 7.62
C TYR E 185 -19.90 -8.06 7.21
N PHE E 186 -18.87 -8.90 7.24
CA PHE E 186 -17.52 -8.48 6.89
C PHE E 186 -17.42 -8.41 5.38
N ARG E 187 -17.66 -7.21 4.84
CA ARG E 187 -17.65 -7.04 3.38
C ARG E 187 -16.26 -7.24 2.79
N ARG E 188 -15.18 -7.15 3.56
CA ARG E 188 -13.88 -7.31 2.93
C ARG E 188 -13.56 -8.73 2.70
N LEU E 189 -14.36 -9.61 3.26
CA LEU E 189 -14.17 -11.03 2.94
C LEU E 189 -14.89 -11.44 1.68
N HIS E 190 -15.80 -10.61 1.15
CA HIS E 190 -16.63 -11.01 0.02
C HIS E 190 -15.78 -11.41 -1.18
N CYS E 191 -16.10 -12.57 -1.75
CA CYS E 191 -15.44 -13.08 -2.95
C CYS E 191 -16.17 -14.33 -3.39
N THR E 192 -15.76 -14.86 -4.55
CA THR E 192 -16.45 -16.02 -5.10
C THR E 192 -16.35 -17.22 -4.16
N ARG E 193 -15.17 -17.48 -3.60
CA ARG E 193 -14.96 -18.57 -2.64
C ARG E 193 -15.91 -18.42 -1.47
N ASN E 194 -15.99 -17.23 -0.89
CA ASN E 194 -16.86 -17.01 0.25
C ASN E 194 -18.33 -17.00 -0.16
N TYR E 195 -18.65 -16.60 -1.39
CA TYR E 195 -20.02 -16.72 -1.87
C TYR E 195 -20.44 -18.19 -1.92
N ILE E 196 -19.57 -19.06 -2.44
CA ILE E 196 -19.88 -20.48 -2.47
C ILE E 196 -19.97 -21.05 -1.06
N HIS E 197 -19.10 -20.58 -0.15
CA HIS E 197 -19.18 -21.03 1.23
C HIS E 197 -20.51 -20.63 1.86
N MET E 198 -20.97 -19.40 1.61
CA MET E 198 -22.26 -18.97 2.14
C MET E 198 -23.40 -19.78 1.54
N HIS E 199 -23.32 -20.09 0.25
CA HIS E 199 -24.34 -20.94 -0.36
C HIS E 199 -24.38 -22.31 0.31
N LEU E 200 -23.21 -22.91 0.55
CA LEU E 200 -23.17 -24.21 1.19
C LEU E 200 -23.71 -24.15 2.62
N PHE E 201 -23.35 -23.11 3.36
CA PHE E 201 -23.86 -22.96 4.73
C PHE E 201 -25.37 -22.80 4.73
N LEU E 202 -25.90 -21.99 3.81
CA LEU E 202 -27.35 -21.83 3.72
C LEU E 202 -28.02 -23.15 3.35
N SER E 203 -27.39 -23.93 2.48
CA SER E 203 -27.94 -25.23 2.13
C SER E 203 -28.01 -26.15 3.34
N PHE E 204 -26.94 -26.18 4.14
CA PHE E 204 -26.96 -27.00 5.36
C PHE E 204 -28.05 -26.52 6.32
N MET E 205 -28.14 -25.22 6.52
CA MET E 205 -29.14 -24.67 7.44
C MET E 205 -30.55 -25.02 6.96
N LEU E 206 -30.81 -24.88 5.66
CA LEU E 206 -32.12 -25.21 5.13
C LEU E 206 -32.42 -26.70 5.24
N ARG E 207 -31.41 -27.55 5.04
CA ARG E 207 -31.63 -28.99 5.21
C ARG E 207 -32.03 -29.30 6.64
N ALA E 208 -31.32 -28.72 7.62
CA ALA E 208 -31.66 -28.96 9.01
C ALA E 208 -33.06 -28.45 9.35
N VAL E 209 -33.38 -27.24 8.89
CA VAL E 209 -34.69 -26.66 9.18
C VAL E 209 -35.80 -27.50 8.55
N SER E 210 -35.59 -27.96 7.32
CA SER E 210 -36.58 -28.77 6.65
C SER E 210 -36.74 -30.12 7.34
N ILE E 211 -35.65 -30.70 7.83
CA ILE E 211 -35.75 -31.95 8.58
C ILE E 211 -36.61 -31.74 9.82
N PHE E 212 -36.35 -30.66 10.56
CA PHE E 212 -37.16 -30.39 11.75
C PHE E 212 -38.62 -30.18 11.37
N VAL E 213 -38.88 -29.41 10.31
CA VAL E 213 -40.25 -29.08 9.94
C VAL E 213 -41.01 -30.33 9.51
N LYS E 214 -40.38 -31.18 8.68
CA LYS E 214 -41.06 -32.38 8.24
C LYS E 214 -41.26 -33.36 9.38
N ASP E 215 -40.30 -33.45 10.30
CA ASP E 215 -40.50 -34.26 11.48
C ASP E 215 -41.73 -33.80 12.26
N ALA E 216 -41.82 -32.49 12.51
CA ALA E 216 -42.95 -31.96 13.25
C ALA E 216 -44.26 -32.21 12.52
N VAL E 217 -44.28 -32.01 11.20
CA VAL E 217 -45.51 -32.15 10.45
C VAL E 217 -45.96 -33.62 10.42
N LEU E 218 -45.05 -34.53 10.12
CA LEU E 218 -45.43 -35.93 9.95
C LEU E 218 -45.76 -36.59 11.28
N TYR E 219 -44.94 -36.36 12.30
CA TYR E 219 -45.06 -37.08 13.57
C TYR E 219 -45.75 -36.26 14.64
N SER E 220 -46.33 -35.12 14.29
CA SER E 220 -47.10 -34.30 15.23
C SER E 220 -46.29 -33.99 16.49
N GLY E 221 -45.03 -33.65 16.29
CA GLY E 221 -44.15 -33.31 17.39
C GLY E 221 -43.00 -32.41 16.99
N ALA E 249 -58.59 -33.69 1.32
CA ALA E 249 -58.00 -32.59 0.57
C ALA E 249 -56.68 -32.16 1.19
N ALA E 250 -56.77 -31.49 2.35
CA ALA E 250 -55.57 -31.03 3.03
C ALA E 250 -54.72 -32.18 3.55
N GLY E 251 -55.32 -33.35 3.77
CA GLY E 251 -54.61 -34.49 4.32
C GLY E 251 -53.29 -34.78 3.60
N TYR E 252 -53.38 -35.07 2.30
CA TYR E 252 -52.16 -35.40 1.56
C TYR E 252 -51.31 -34.17 1.31
N ALA E 253 -51.94 -33.01 1.07
CA ALA E 253 -51.18 -31.82 0.69
C ALA E 253 -50.27 -31.37 1.83
N GLY E 254 -50.79 -31.33 3.06
CA GLY E 254 -50.00 -30.82 4.17
C GLY E 254 -48.71 -31.60 4.37
N CYS E 255 -48.79 -32.94 4.27
CA CYS E 255 -47.60 -33.75 4.44
C CYS E 255 -46.72 -33.72 3.20
N ARG E 256 -47.31 -33.70 2.01
CA ARG E 256 -46.51 -33.82 0.79
C ARG E 256 -45.74 -32.55 0.49
N VAL E 257 -46.28 -31.38 0.82
CA VAL E 257 -45.52 -30.14 0.64
C VAL E 257 -44.27 -30.17 1.51
N ALA E 258 -44.42 -30.58 2.77
CA ALA E 258 -43.27 -30.67 3.67
C ALA E 258 -42.27 -31.71 3.18
N VAL E 259 -42.76 -32.86 2.70
CA VAL E 259 -41.86 -33.90 2.21
C VAL E 259 -41.08 -33.40 0.99
N THR E 260 -41.77 -32.71 0.07
CA THR E 260 -41.10 -32.17 -1.10
C THR E 260 -40.06 -31.13 -0.72
N PHE E 261 -40.39 -30.24 0.23
CA PHE E 261 -39.41 -29.26 0.67
C PHE E 261 -38.19 -29.93 1.29
N PHE E 262 -38.42 -30.94 2.14
CA PHE E 262 -37.31 -31.63 2.77
C PHE E 262 -36.43 -32.32 1.73
N LEU E 263 -37.05 -33.01 0.77
CA LEU E 263 -36.27 -33.69 -0.25
C LEU E 263 -35.50 -32.70 -1.10
N TYR E 264 -36.12 -31.59 -1.48
CA TYR E 264 -35.43 -30.60 -2.31
C TYR E 264 -34.25 -30.00 -1.57
N PHE E 265 -34.42 -29.67 -0.28
CA PHE E 265 -33.33 -29.08 0.47
C PHE E 265 -32.21 -30.09 0.72
N LEU E 266 -32.55 -31.36 0.98
CA LEU E 266 -31.51 -32.36 1.12
C LEU E 266 -30.74 -32.53 -0.19
N ALA E 267 -31.45 -32.57 -1.31
CA ALA E 267 -30.78 -32.73 -2.60
C ALA E 267 -29.89 -31.53 -2.91
N THR E 268 -30.39 -30.32 -2.64
CA THR E 268 -29.58 -29.13 -2.94
C THR E 268 -28.36 -29.05 -2.04
N ASN E 269 -28.49 -29.48 -0.79
CA ASN E 269 -27.31 -29.54 0.08
C ASN E 269 -26.30 -30.56 -0.44
N TYR E 270 -26.77 -31.75 -0.83
CA TYR E 270 -25.85 -32.76 -1.35
C TYR E 270 -25.17 -32.27 -2.63
N TYR E 271 -25.88 -31.50 -3.45
CA TYR E 271 -25.30 -30.99 -4.69
C TYR E 271 -24.35 -29.82 -4.43
N TRP E 272 -24.62 -29.00 -3.42
CA TRP E 272 -23.68 -27.94 -3.08
C TRP E 272 -22.41 -28.50 -2.46
N ILE E 273 -22.52 -29.61 -1.73
CA ILE E 273 -21.32 -30.26 -1.23
C ILE E 273 -20.40 -30.66 -2.37
N LEU E 274 -20.99 -31.15 -3.48
CA LEU E 274 -20.20 -31.48 -4.66
C LEU E 274 -19.75 -30.24 -5.42
N VAL E 275 -20.56 -29.18 -5.39
CA VAL E 275 -20.18 -27.95 -6.07
C VAL E 275 -18.94 -27.34 -5.43
N GLU E 276 -18.83 -27.44 -4.12
CA GLU E 276 -17.63 -26.95 -3.44
C GLU E 276 -16.39 -27.70 -3.92
N GLY E 277 -16.50 -29.03 -4.01
CA GLY E 277 -15.38 -29.82 -4.51
C GLY E 277 -15.06 -29.51 -5.95
N LEU E 278 -16.09 -29.27 -6.77
CA LEU E 278 -15.86 -28.91 -8.16
C LEU E 278 -15.14 -27.58 -8.27
N TYR E 279 -15.47 -26.58 -7.45
CA TYR E 279 -14.74 -25.31 -7.38
C TYR E 279 -13.29 -25.50 -6.91
N LEU E 280 -13.04 -26.30 -5.86
CA LEU E 280 -11.67 -26.66 -5.50
C LEU E 280 -10.94 -27.28 -6.69
N HIS E 281 -11.56 -28.21 -7.41
CA HIS E 281 -10.87 -28.85 -8.52
C HIS E 281 -10.55 -27.86 -9.63
N SER E 282 -11.50 -26.98 -9.96
CA SER E 282 -11.26 -25.98 -10.98
C SER E 282 -10.12 -25.04 -10.55
N LEU E 283 -10.07 -24.63 -9.28
CA LEU E 283 -8.99 -23.78 -8.79
C LEU E 283 -7.64 -24.50 -8.83
N ILE E 284 -7.59 -25.77 -8.45
CA ILE E 284 -6.33 -26.53 -8.42
C ILE E 284 -5.83 -26.76 -9.84
N PHE E 285 -6.70 -27.16 -10.79
CA PHE E 285 -6.23 -27.62 -12.09
C PHE E 285 -6.63 -26.72 -13.25
N MET E 286 -7.67 -25.90 -13.10
CA MET E 286 -8.13 -25.00 -14.14
C MET E 286 -8.19 -23.57 -13.62
N ALA E 287 -7.08 -23.18 -12.97
CA ALA E 287 -6.88 -21.89 -12.33
C ALA E 287 -7.20 -20.71 -13.26
N PHE E 288 -7.53 -19.58 -12.65
CA PHE E 288 -7.86 -18.34 -13.36
C PHE E 288 -8.97 -18.51 -14.40
N PHE E 289 -10.19 -18.84 -13.95
CA PHE E 289 -11.39 -18.81 -14.76
C PHE E 289 -12.17 -17.53 -14.50
N SER E 290 -13.09 -17.21 -15.41
CA SER E 290 -13.83 -15.96 -15.31
C SER E 290 -14.55 -15.84 -13.97
N GLU E 291 -14.97 -16.97 -13.41
CA GLU E 291 -15.54 -17.09 -12.06
C GLU E 291 -16.92 -16.45 -11.94
N LYS E 292 -17.34 -15.70 -12.96
CA LYS E 292 -18.66 -15.07 -12.94
C LYS E 292 -19.69 -15.98 -13.60
N LYS E 293 -19.45 -16.34 -14.86
CA LYS E 293 -20.22 -17.41 -15.47
C LYS E 293 -20.09 -18.70 -14.67
N TYR E 294 -18.91 -18.93 -14.09
CA TYR E 294 -18.72 -20.10 -13.23
C TYR E 294 -19.58 -20.02 -11.98
N LEU E 295 -19.63 -18.85 -11.33
CA LEU E 295 -20.49 -18.71 -10.16
C LEU E 295 -21.95 -18.93 -10.51
N TRP E 296 -22.40 -18.34 -11.63
CA TRP E 296 -23.79 -18.52 -12.04
C TRP E 296 -24.09 -19.98 -12.35
N GLY E 297 -23.18 -20.66 -13.07
CA GLY E 297 -23.40 -22.06 -13.38
C GLY E 297 -23.42 -22.93 -12.15
N PHE E 298 -22.54 -22.65 -11.18
CA PHE E 298 -22.54 -23.40 -9.93
C PHE E 298 -23.85 -23.19 -9.17
N THR E 299 -24.33 -21.94 -9.10
CA THR E 299 -25.60 -21.70 -8.43
C THR E 299 -26.74 -22.46 -9.11
N VAL E 300 -26.77 -22.43 -10.44
CA VAL E 300 -27.82 -23.14 -11.17
C VAL E 300 -27.72 -24.64 -10.90
N PHE E 301 -26.52 -25.20 -11.03
CA PHE E 301 -26.35 -26.64 -10.82
C PHE E 301 -26.68 -27.05 -9.39
N GLY E 302 -26.52 -26.15 -8.43
CA GLY E 302 -26.81 -26.47 -7.05
C GLY E 302 -28.27 -26.30 -6.67
N TRP E 303 -28.99 -25.40 -7.35
CA TRP E 303 -30.36 -25.10 -6.95
C TRP E 303 -31.42 -25.69 -7.88
N GLY E 304 -31.18 -25.75 -9.19
CA GLY E 304 -32.20 -26.17 -10.13
C GLY E 304 -32.23 -27.65 -10.41
N LEU E 305 -31.10 -28.25 -10.79
CA LEU E 305 -31.09 -29.67 -11.08
C LEU E 305 -31.66 -30.51 -9.94
N PRO E 306 -31.29 -30.27 -8.68
CA PRO E 306 -32.06 -30.89 -7.59
C PRO E 306 -33.54 -30.57 -7.70
N ALA E 307 -33.88 -29.31 -7.98
CA ALA E 307 -35.27 -28.96 -8.20
C ALA E 307 -35.83 -29.69 -9.42
N VAL E 308 -35.00 -29.91 -10.44
CA VAL E 308 -35.47 -30.58 -11.65
C VAL E 308 -35.95 -31.99 -11.32
N PHE E 309 -35.07 -32.80 -10.72
CA PHE E 309 -35.49 -34.18 -10.49
C PHE E 309 -36.47 -34.29 -9.33
N VAL E 310 -36.46 -33.34 -8.38
CA VAL E 310 -37.51 -33.34 -7.35
C VAL E 310 -38.87 -33.06 -7.98
N ALA E 311 -38.92 -32.13 -8.93
CA ALA E 311 -40.17 -31.87 -9.66
C ALA E 311 -40.61 -33.09 -10.44
N VAL E 312 -39.67 -33.77 -11.09
CA VAL E 312 -40.02 -35.00 -11.81
C VAL E 312 -40.63 -36.01 -10.84
N TRP E 313 -39.96 -36.24 -9.71
CA TRP E 313 -40.43 -37.23 -8.76
C TRP E 313 -41.81 -36.87 -8.20
N VAL E 314 -42.00 -35.62 -7.80
CA VAL E 314 -43.27 -35.23 -7.19
C VAL E 314 -44.39 -35.29 -8.24
N SER E 315 -44.11 -34.87 -9.48
CA SER E 315 -45.12 -34.96 -10.52
C SER E 315 -45.53 -36.41 -10.76
N VAL E 316 -44.56 -37.31 -10.87
CA VAL E 316 -44.88 -38.71 -11.11
C VAL E 316 -45.68 -39.28 -9.93
N ARG E 317 -45.22 -38.99 -8.72
CA ARG E 317 -45.88 -39.53 -7.53
C ARG E 317 -47.33 -39.05 -7.44
N ALA E 318 -47.55 -37.75 -7.65
CA ALA E 318 -48.92 -37.23 -7.61
C ALA E 318 -49.78 -37.80 -8.73
N THR E 319 -49.21 -37.92 -9.93
CA THR E 319 -50.02 -38.33 -11.08
C THR E 319 -50.43 -39.80 -10.99
N LEU E 320 -49.48 -40.69 -10.70
CA LEU E 320 -49.74 -42.12 -10.82
C LEU E 320 -49.32 -42.96 -9.63
N ALA E 321 -48.79 -42.36 -8.56
CA ALA E 321 -48.38 -43.15 -7.40
C ALA E 321 -48.74 -42.44 -6.09
N ASN E 322 -49.83 -41.69 -6.08
CA ASN E 322 -50.25 -41.01 -4.85
C ASN E 322 -50.84 -42.03 -3.89
N THR E 323 -50.25 -42.15 -2.72
CA THR E 323 -50.69 -43.10 -1.68
C THR E 323 -50.81 -42.34 -0.36
N GLY E 324 -51.98 -41.76 -0.12
CA GLY E 324 -52.25 -41.05 1.11
C GLY E 324 -51.12 -40.14 1.53
N CYS E 325 -50.58 -40.35 2.73
CA CYS E 325 -49.42 -39.62 3.18
C CYS E 325 -48.21 -40.00 2.33
N TRP E 326 -47.40 -39.01 1.99
CA TRP E 326 -46.27 -39.20 1.09
C TRP E 326 -45.00 -39.66 1.79
N ASP E 327 -45.09 -40.14 3.04
CA ASP E 327 -43.93 -40.69 3.72
C ASP E 327 -43.69 -42.16 3.37
N LEU E 328 -44.59 -42.79 2.63
CA LEU E 328 -44.41 -44.17 2.19
C LEU E 328 -43.54 -44.23 0.94
N SER E 329 -43.12 -45.44 0.60
CA SER E 329 -42.33 -45.69 -0.60
C SER E 329 -43.23 -46.36 -1.64
N SER E 330 -43.25 -45.80 -2.84
CA SER E 330 -44.09 -46.28 -3.94
C SER E 330 -43.18 -46.90 -5.00
N GLY E 331 -42.95 -48.20 -4.87
CA GLY E 331 -42.14 -48.90 -5.86
C GLY E 331 -40.74 -48.33 -5.97
N ASN E 332 -40.30 -48.15 -7.20
CA ASN E 332 -38.94 -47.67 -7.50
C ASN E 332 -38.87 -46.16 -7.71
N LYS E 333 -39.97 -45.44 -7.49
CA LYS E 333 -39.95 -44.00 -7.73
C LYS E 333 -39.00 -43.28 -6.80
N LYS E 334 -38.71 -43.86 -5.62
CA LYS E 334 -37.73 -43.27 -4.72
C LYS E 334 -36.36 -43.18 -5.39
N TRP E 335 -36.05 -44.11 -6.29
CA TRP E 335 -34.77 -44.08 -6.97
C TRP E 335 -34.60 -42.83 -7.82
N ILE E 336 -35.70 -42.22 -8.28
CA ILE E 336 -35.59 -40.96 -9.01
C ILE E 336 -34.85 -39.93 -8.17
N ILE E 337 -35.25 -39.78 -6.91
CA ILE E 337 -34.56 -38.85 -6.00
C ILE E 337 -33.19 -39.38 -5.63
N GLN E 338 -33.10 -40.69 -5.35
CA GLN E 338 -31.88 -41.22 -4.73
C GLN E 338 -30.70 -41.26 -5.71
N VAL E 339 -30.92 -41.71 -6.94
CA VAL E 339 -29.80 -41.94 -7.85
C VAL E 339 -28.99 -40.68 -8.10
N PRO E 340 -29.58 -39.52 -8.35
CA PRO E 340 -28.76 -38.31 -8.51
C PRO E 340 -27.88 -38.03 -7.30
N ILE E 341 -28.38 -38.27 -6.10
CA ILE E 341 -27.58 -38.03 -4.90
C ILE E 341 -26.38 -38.97 -4.87
N LEU E 342 -26.59 -40.24 -5.20
CA LEU E 342 -25.49 -41.19 -5.21
C LEU E 342 -24.46 -40.83 -6.29
N ALA E 343 -24.94 -40.40 -7.46
CA ALA E 343 -24.03 -39.97 -8.51
C ALA E 343 -23.19 -38.78 -8.06
N SER E 344 -23.82 -37.81 -7.41
CA SER E 344 -23.09 -36.67 -6.89
C SER E 344 -22.06 -37.12 -5.85
N ILE E 345 -22.44 -38.04 -4.96
CA ILE E 345 -21.54 -38.50 -3.93
C ILE E 345 -20.31 -39.18 -4.55
N VAL E 346 -20.54 -40.05 -5.53
CA VAL E 346 -19.43 -40.78 -6.13
C VAL E 346 -18.53 -39.82 -6.92
N LEU E 347 -19.12 -38.86 -7.64
CA LEU E 347 -18.30 -37.89 -8.37
C LEU E 347 -17.48 -37.06 -7.40
N ASN E 348 -18.06 -36.63 -6.29
CA ASN E 348 -17.32 -35.85 -5.31
C ASN E 348 -16.20 -36.68 -4.70
N PHE E 349 -16.45 -37.96 -4.45
CA PHE E 349 -15.40 -38.83 -3.93
C PHE E 349 -14.27 -39.00 -4.94
N ILE E 350 -14.61 -39.11 -6.23
CA ILE E 350 -13.58 -39.20 -7.26
C ILE E 350 -12.73 -37.93 -7.28
N LEU E 351 -13.38 -36.78 -7.21
CA LEU E 351 -12.64 -35.52 -7.17
C LEU E 351 -11.74 -35.45 -5.94
N PHE E 352 -12.26 -35.88 -4.78
CA PHE E 352 -11.46 -35.88 -3.57
C PHE E 352 -10.25 -36.77 -3.71
N ILE E 353 -10.42 -37.98 -4.28
CA ILE E 353 -9.30 -38.88 -4.46
C ILE E 353 -8.27 -38.28 -5.40
N ASN E 354 -8.73 -37.66 -6.50
CA ASN E 354 -7.80 -37.04 -7.44
C ASN E 354 -6.98 -35.95 -6.75
N ILE E 355 -7.66 -35.07 -6.00
CA ILE E 355 -6.96 -33.97 -5.34
C ILE E 355 -5.98 -34.50 -4.31
N VAL E 356 -6.39 -35.51 -3.54
CA VAL E 356 -5.53 -36.06 -2.50
C VAL E 356 -4.29 -36.69 -3.13
N ARG E 357 -4.47 -37.45 -4.21
CA ARG E 357 -3.32 -38.09 -4.84
C ARG E 357 -2.39 -37.05 -5.46
N VAL E 358 -2.94 -35.98 -6.03
CA VAL E 358 -2.10 -34.93 -6.58
C VAL E 358 -1.30 -34.26 -5.48
N LEU E 359 -1.95 -33.96 -4.34
CA LEU E 359 -1.24 -33.34 -3.22
C LEU E 359 -0.13 -34.25 -2.72
N ALA E 360 -0.42 -35.55 -2.60
CA ALA E 360 0.61 -36.49 -2.16
C ALA E 360 1.77 -36.54 -3.13
N THR E 361 1.47 -36.55 -4.44
CA THR E 361 2.53 -36.60 -5.45
C THR E 361 3.40 -35.35 -5.37
N LYS E 362 2.77 -34.19 -5.21
CA LYS E 362 3.54 -32.92 -5.11
C LYS E 362 4.55 -33.02 -3.97
N LEU E 363 4.20 -33.73 -2.89
CA LEU E 363 5.07 -33.83 -1.73
C LEU E 363 6.30 -34.67 -2.05
N GLN E 375 9.69 -36.17 7.29
CA GLN E 375 8.35 -36.70 7.55
C GLN E 375 7.35 -36.09 6.57
N GLN E 376 7.38 -36.57 5.33
CA GLN E 376 6.50 -36.02 4.29
C GLN E 376 5.06 -36.50 4.45
N TYR E 377 4.85 -37.71 4.97
CA TYR E 377 3.49 -38.19 5.19
C TYR E 377 2.74 -37.33 6.21
N ARG E 378 3.46 -36.58 7.04
CA ARG E 378 2.81 -35.70 8.01
C ARG E 378 1.97 -34.64 7.31
N LYS E 379 2.49 -34.04 6.24
CA LYS E 379 1.77 -32.97 5.58
C LYS E 379 0.48 -33.48 4.93
N LEU E 380 0.51 -34.67 4.34
CA LEU E 380 -0.69 -35.19 3.68
C LEU E 380 -1.84 -35.38 4.65
N LEU E 381 -1.54 -35.76 5.90
CA LEU E 381 -2.60 -36.07 6.86
C LEU E 381 -3.48 -34.86 7.11
N LYS E 382 -2.88 -33.69 7.38
CA LYS E 382 -3.67 -32.51 7.66
C LYS E 382 -4.53 -32.13 6.46
N SER E 383 -3.95 -32.16 5.27
CA SER E 383 -4.70 -31.77 4.08
C SER E 383 -5.89 -32.70 3.85
N THR E 384 -5.66 -34.02 3.92
CA THR E 384 -6.75 -34.95 3.66
C THR E 384 -7.81 -34.86 4.75
N LEU E 385 -7.41 -34.69 6.01
CA LEU E 385 -8.39 -34.57 7.08
C LEU E 385 -9.23 -33.31 6.91
N VAL E 386 -8.61 -32.20 6.51
CA VAL E 386 -9.36 -30.97 6.31
C VAL E 386 -10.30 -31.10 5.11
N LEU E 387 -9.86 -31.79 4.06
CA LEU E 387 -10.70 -31.92 2.86
C LEU E 387 -11.84 -32.91 3.06
N MET E 388 -11.69 -33.88 3.97
CA MET E 388 -12.72 -34.90 4.12
C MET E 388 -14.08 -34.30 4.45
N PRO E 389 -14.22 -33.43 5.46
CA PRO E 389 -15.54 -32.83 5.71
C PRO E 389 -16.07 -32.04 4.52
N LEU E 390 -15.20 -31.36 3.78
CA LEU E 390 -15.66 -30.54 2.66
C LEU E 390 -16.30 -31.38 1.57
N PHE E 391 -15.71 -32.52 1.25
CA PHE E 391 -16.19 -33.37 0.17
C PHE E 391 -17.24 -34.37 0.62
N GLY E 392 -17.60 -34.40 1.91
CA GLY E 392 -18.56 -35.36 2.39
C GLY E 392 -18.12 -36.78 2.14
N VAL E 393 -16.87 -37.08 2.48
CA VAL E 393 -16.30 -38.40 2.19
C VAL E 393 -17.09 -39.49 2.91
N HIS E 394 -17.66 -39.18 4.08
CA HIS E 394 -18.40 -40.20 4.83
C HIS E 394 -19.58 -40.75 4.05
N TYR E 395 -20.08 -40.02 3.05
CA TYR E 395 -21.18 -40.53 2.25
C TYR E 395 -20.78 -41.75 1.44
N ILE E 396 -19.49 -41.89 1.13
CA ILE E 396 -19.04 -43.00 0.29
C ILE E 396 -19.24 -44.34 1.01
N VAL E 397 -19.22 -44.33 2.35
CA VAL E 397 -19.16 -45.58 3.11
C VAL E 397 -20.41 -46.42 2.85
N PHE E 398 -21.58 -45.79 2.92
CA PHE E 398 -22.86 -46.52 2.90
C PHE E 398 -23.72 -46.16 1.69
N MET E 399 -23.14 -45.59 0.64
CA MET E 399 -23.89 -45.37 -0.59
C MET E 399 -24.01 -46.67 -1.36
N ALA E 400 -25.09 -46.77 -2.14
CA ALA E 400 -25.42 -47.94 -2.97
C ALA E 400 -25.81 -49.15 -2.13
N THR E 401 -25.89 -48.98 -0.80
CA THR E 401 -26.32 -50.11 0.07
C THR E 401 -27.84 -50.28 -0.05
N PRO E 402 -28.36 -51.51 -0.21
CA PRO E 402 -29.78 -51.74 -0.42
C PRO E 402 -30.54 -51.37 0.85
N TYR E 403 -31.80 -50.92 0.73
CA TYR E 403 -32.55 -50.67 1.97
C TYR E 403 -32.63 -52.01 2.69
N THR E 404 -32.44 -52.03 4.01
CA THR E 404 -32.42 -53.33 4.73
C THR E 404 -33.51 -53.33 5.80
N GLU E 405 -33.80 -54.49 6.39
CA GLU E 405 -34.78 -54.46 7.48
C GLU E 405 -34.44 -53.35 8.47
N VAL E 406 -35.46 -52.82 9.15
CA VAL E 406 -35.28 -51.68 10.04
C VAL E 406 -34.55 -52.04 11.32
N SER E 407 -34.32 -53.32 11.59
CA SER E 407 -33.67 -53.75 12.82
C SER E 407 -32.41 -54.59 12.57
N GLY E 408 -32.01 -54.76 11.31
CA GLY E 408 -30.82 -55.53 11.03
C GLY E 408 -29.56 -54.86 11.56
N THR E 409 -28.57 -55.69 11.89
CA THR E 409 -27.32 -55.15 12.41
C THR E 409 -26.67 -54.20 11.41
N LEU E 410 -26.69 -54.56 10.12
CA LEU E 410 -26.19 -53.66 9.10
C LEU E 410 -26.94 -52.33 9.13
N TRP E 411 -28.27 -52.39 9.27
CA TRP E 411 -29.05 -51.16 9.34
C TRP E 411 -28.67 -50.32 10.54
N GLN E 412 -28.48 -50.95 11.70
CA GLN E 412 -28.11 -50.21 12.90
C GLN E 412 -26.75 -49.53 12.73
N VAL E 413 -25.75 -50.28 12.27
CA VAL E 413 -24.42 -49.70 12.12
C VAL E 413 -24.42 -48.61 11.07
N GLN E 414 -25.21 -48.79 10.00
CA GLN E 414 -25.30 -47.75 8.98
C GLN E 414 -25.89 -46.48 9.55
N MET E 415 -27.05 -46.59 10.22
CA MET E 415 -27.77 -45.39 10.64
C MET E 415 -27.05 -44.67 11.78
N HIS E 416 -26.68 -45.41 12.83
CA HIS E 416 -26.11 -44.76 14.00
C HIS E 416 -24.88 -43.94 13.66
N TYR E 417 -24.19 -44.29 12.56
CA TYR E 417 -23.02 -43.55 12.12
C TYR E 417 -23.37 -42.49 11.09
N GLU E 418 -24.14 -42.84 10.06
CA GLU E 418 -24.42 -41.91 8.97
C GLU E 418 -25.24 -40.73 9.46
N MET E 419 -26.26 -40.97 10.28
CA MET E 419 -27.09 -39.86 10.74
C MET E 419 -26.28 -38.86 11.56
N LEU E 420 -25.45 -39.36 12.48
CA LEU E 420 -24.65 -38.48 13.31
C LEU E 420 -23.65 -37.70 12.45
N PHE E 421 -22.99 -38.39 11.51
CA PHE E 421 -22.00 -37.70 10.67
C PHE E 421 -22.66 -36.65 9.80
N ASN E 422 -23.82 -36.96 9.22
CA ASN E 422 -24.52 -35.97 8.41
C ASN E 422 -24.95 -34.78 9.26
N SER E 423 -25.42 -35.03 10.48
CA SER E 423 -25.86 -33.94 11.34
C SER E 423 -24.69 -33.02 11.70
N PHE E 424 -23.53 -33.61 12.01
CA PHE E 424 -22.39 -32.82 12.47
C PHE E 424 -21.48 -32.35 11.33
N GLN E 425 -21.77 -32.73 10.09
CA GLN E 425 -20.95 -32.24 8.98
C GLN E 425 -21.03 -30.73 8.85
N GLY E 426 -22.22 -30.17 9.03
CA GLY E 426 -22.35 -28.71 8.96
C GLY E 426 -21.51 -28.02 10.00
N PHE E 427 -21.57 -28.51 11.24
CA PHE E 427 -20.74 -27.93 12.30
C PHE E 427 -19.25 -28.07 11.97
N PHE E 428 -18.84 -29.24 11.48
CA PHE E 428 -17.44 -29.44 11.14
C PHE E 428 -16.99 -28.45 10.09
N VAL E 429 -17.76 -28.31 9.01
CA VAL E 429 -17.35 -27.41 7.93
C VAL E 429 -17.35 -25.96 8.41
N ALA E 430 -18.35 -25.57 9.20
CA ALA E 430 -18.40 -24.21 9.71
C ALA E 430 -17.19 -23.91 10.58
N ILE E 431 -16.81 -24.84 11.46
CA ILE E 431 -15.65 -24.63 12.31
C ILE E 431 -14.38 -24.54 11.46
N ILE E 432 -14.21 -25.48 10.53
CA ILE E 432 -12.94 -25.62 9.83
C ILE E 432 -12.72 -24.45 8.88
N TYR E 433 -13.72 -24.11 8.08
CA TYR E 433 -13.53 -23.24 6.93
C TYR E 433 -13.92 -21.79 7.16
N CYS E 434 -14.59 -21.47 8.26
CA CYS E 434 -14.96 -20.09 8.54
C CYS E 434 -14.26 -19.54 9.78
N PHE E 435 -14.39 -20.19 10.93
CA PHE E 435 -13.93 -19.59 12.17
C PHE E 435 -12.41 -19.61 12.29
N CYS E 436 -11.77 -20.69 11.89
CA CYS E 436 -10.33 -20.86 12.07
C CYS E 436 -9.57 -20.88 10.74
N ASN E 437 -10.12 -20.31 9.67
CA ASN E 437 -9.47 -20.28 8.36
C ASN E 437 -9.05 -18.87 7.98
N GLY E 438 -7.74 -18.62 7.98
CA GLY E 438 -7.14 -17.44 7.41
C GLY E 438 -7.76 -16.11 7.78
N GLU E 439 -8.28 -15.40 6.77
CA GLU E 439 -8.67 -14.00 6.93
C GLU E 439 -9.76 -13.81 7.97
N VAL E 440 -10.58 -14.83 8.23
CA VAL E 440 -11.68 -14.66 9.17
C VAL E 440 -11.14 -14.36 10.57
N GLN E 441 -10.12 -15.10 11.00
CA GLN E 441 -9.54 -14.88 12.32
C GLN E 441 -8.95 -13.48 12.43
N ALA E 442 -8.23 -13.04 11.39
CA ALA E 442 -7.63 -11.72 11.42
C ALA E 442 -8.70 -10.64 11.50
N GLU E 443 -9.77 -10.78 10.71
CA GLU E 443 -10.84 -9.79 10.74
C GLU E 443 -11.52 -9.77 12.11
N ILE E 444 -11.74 -10.94 12.70
CA ILE E 444 -12.37 -11.00 14.02
C ILE E 444 -11.48 -10.33 15.07
N LYS E 445 -10.18 -10.61 15.02
CA LYS E 445 -9.27 -10.11 16.04
C LYS E 445 -8.96 -8.62 15.88
N LYS E 446 -9.03 -8.09 14.66
CA LYS E 446 -8.80 -6.67 14.45
C LYS E 446 -10.05 -5.82 14.65
N SER E 447 -11.22 -6.45 14.82
CA SER E 447 -12.46 -5.71 15.02
C SER E 447 -12.46 -5.01 16.36
N VAL E 474 21.57 -18.03 3.52
CA VAL E 474 21.25 -16.84 2.73
C VAL E 474 21.77 -15.59 3.43
N HIS E 476 21.98 -10.87 3.00
CA HIS E 476 21.32 -9.67 2.49
C HIS E 476 22.00 -9.16 1.22
N VAL E 479 25.51 -3.51 -2.55
CA VAL E 479 25.95 -2.80 -3.76
C VAL E 479 27.43 -2.48 -3.63
N ASN E 481 31.29 -1.31 -6.06
CA ASN E 481 31.80 -0.57 -7.21
C ASN E 481 32.40 -1.52 -8.24
N GLY E 482 32.47 -1.06 -9.49
CA GLY E 482 33.02 -1.86 -10.56
C GLY E 482 32.95 -1.17 -11.91
#